data_9CZU
#
_entry.id   9CZU
#
_cell.length_a   58.190
_cell.length_b   84.260
_cell.length_c   87.320
_cell.angle_alpha   67.33
_cell.angle_beta   73.51
_cell.angle_gamma   76.15
#
_symmetry.space_group_name_H-M   'P 1'
#
loop_
_entity.id
_entity.type
_entity.pdbx_description
1 polymer 'Mitogen-activated protein kinase kinase kinase kinase 1'
2 non-polymer 'SULFATE ION'
3 non-polymer 6-methoxy-4-[(methylamino)methyl]-2-(6-{4-[(2S)-4,4,4-trifluorobutan-2-yl]-4H-1,2,4-triazol-3-yl}pyridin-2-yl)-2,3-dihydro-1H-isoindol-1-one
4 water water
#
_entity_poly.entity_id   1
_entity_poly.type   'polypeptide(L)'
_entity_poly.pdbx_seq_one_letter_code
;GSMDVVDPDIFNRDPRDHYDLLQRLGGGTYGEVFKARDKVSGDLVALKMVKMEPDDDVSTLQKEILILKTCRHANIVAYH
GSYLWLQKLWICMEFCGAGSLQDIYQVTGSLSELQISYVCREVLQGLAYLHSQKKIHRDIKGANILINDAGEVRLADFGI
SAQIGAELARRLEFIGTPYWMAPEVAAVALKGGYNELCDIWSLGITAIELAELQPPLFDVHPLRVLFLMTKSGYQPPRLK
EKGKWSAAFHNFIKVTLTKSPKKRPSATKMLSHQLVSQPGLNRGLILDLLDKLKNPGKGPSIGDIEDEE
;
_entity_poly.pdbx_strand_id   A,B,C,D
#
loop_
_chem_comp.id
_chem_comp.type
_chem_comp.name
_chem_comp.formula
A1A1D non-polymer 6-methoxy-4-[(methylamino)methyl]-2-(6-{4-[(2S)-4,4,4-trifluorobutan-2-yl]-4H-1,2,4-triazol-3-yl}pyridin-2-yl)-2,3-dihydro-1H-isoindol-1-one 'C22 H23 F3 N6 O2'
SO4 non-polymer 'SULFATE ION' 'O4 S -2'
#
# COMPACT_ATOMS: atom_id res chain seq x y z
N ASP A 7 21.45 -30.85 16.72
CA ASP A 7 20.96 -31.24 18.04
C ASP A 7 21.70 -32.47 18.65
N PRO A 8 22.04 -32.47 19.97
CA PRO A 8 22.73 -33.62 20.57
C PRO A 8 21.86 -34.86 20.84
N ASP A 9 20.55 -34.67 21.08
CA ASP A 9 19.64 -35.78 21.40
C ASP A 9 18.84 -36.27 20.18
N ILE A 10 19.36 -35.99 18.96
CA ILE A 10 18.73 -36.42 17.71
C ILE A 10 18.86 -37.94 17.51
N PHE A 11 17.78 -38.59 17.03
CA PHE A 11 17.71 -40.02 16.75
C PHE A 11 18.20 -40.29 15.35
N ASN A 12 19.29 -41.04 15.24
CA ASN A 12 19.90 -41.36 13.97
C ASN A 12 19.21 -42.59 13.31
N ARG A 13 17.87 -42.51 13.18
CA ARG A 13 17.02 -43.55 12.58
C ARG A 13 15.71 -42.97 11.98
N ASP A 14 15.03 -43.77 11.15
CA ASP A 14 13.79 -43.44 10.47
C ASP A 14 12.59 -43.50 11.43
N PRO A 15 11.84 -42.38 11.65
CA PRO A 15 10.70 -42.42 12.60
C PRO A 15 9.53 -43.31 12.21
N ARG A 16 9.47 -43.70 10.92
CA ARG A 16 8.44 -44.58 10.37
C ARG A 16 8.57 -46.04 10.89
N ASP A 17 9.65 -46.32 11.66
CA ASP A 17 9.91 -47.57 12.37
C ASP A 17 9.10 -47.57 13.68
N HIS A 18 8.72 -46.36 14.16
CA HIS A 18 7.98 -46.14 15.42
C HIS A 18 6.56 -45.63 15.22
N TYR A 19 6.32 -44.91 14.11
CA TYR A 19 5.02 -44.31 13.79
C TYR A 19 4.56 -44.69 12.42
N ASP A 20 3.26 -44.63 12.20
CA ASP A 20 2.69 -44.80 10.86
C ASP A 20 2.14 -43.43 10.42
N LEU A 21 2.57 -42.94 9.23
CA LEU A 21 2.09 -41.69 8.67
C LEU A 21 0.65 -41.89 8.20
N LEU A 22 -0.30 -41.20 8.85
CA LEU A 22 -1.71 -41.33 8.52
C LEU A 22 -2.16 -40.45 7.40
N GLN A 23 -1.69 -39.17 7.39
CA GLN A 23 -2.04 -38.20 6.36
C GLN A 23 -1.19 -36.95 6.45
N ARG A 24 -1.21 -36.16 5.39
CA ARG A 24 -0.48 -34.89 5.36
C ARG A 24 -1.39 -33.80 5.94
N LEU A 25 -0.87 -33.06 6.93
CA LEU A 25 -1.59 -31.99 7.61
C LEU A 25 -1.41 -30.64 6.95
N GLY A 26 -0.25 -30.42 6.35
CA GLY A 26 0.02 -29.19 5.61
C GLY A 26 1.49 -29.02 5.30
N GLY A 27 1.84 -27.81 4.88
CA GLY A 27 3.21 -27.41 4.58
C GLY A 27 3.79 -26.67 5.76
N GLY A 28 3.84 -25.36 5.64
CA GLY A 28 4.42 -24.46 6.64
C GLY A 28 5.52 -23.62 6.02
N THR A 29 6.24 -22.83 6.81
CA THR A 29 7.37 -22.02 6.32
C THR A 29 8.32 -22.84 5.41
N TYR A 30 8.74 -24.02 5.89
CA TYR A 30 9.52 -25.00 5.13
C TYR A 30 9.10 -26.44 5.52
N GLY A 31 9.30 -27.38 4.60
CA GLY A 31 8.97 -28.79 4.78
C GLY A 31 7.47 -29.02 4.86
N GLU A 32 7.08 -30.20 5.37
CA GLU A 32 5.66 -30.56 5.50
C GLU A 32 5.35 -31.29 6.80
N VAL A 33 4.08 -31.25 7.26
CA VAL A 33 3.65 -31.86 8.53
C VAL A 33 2.69 -33.01 8.26
N PHE A 34 2.98 -34.16 8.87
CA PHE A 34 2.15 -35.34 8.76
C PHE A 34 1.53 -35.66 10.11
N LYS A 35 0.31 -36.22 10.05
CA LYS A 35 -0.40 -36.76 11.20
C LYS A 35 0.16 -38.18 11.34
N ALA A 36 0.69 -38.54 12.51
CA ALA A 36 1.26 -39.87 12.67
C ALA A 36 0.78 -40.59 13.93
N ARG A 37 0.73 -41.92 13.89
CA ARG A 37 0.27 -42.75 15.00
C ARG A 37 1.39 -43.64 15.52
N ASP A 38 1.67 -43.59 16.85
CA ASP A 38 2.66 -44.41 17.53
C ASP A 38 2.19 -45.86 17.47
N LYS A 39 2.95 -46.71 16.74
CA LYS A 39 2.69 -48.13 16.46
C LYS A 39 2.24 -48.95 17.68
N VAL A 40 2.88 -48.74 18.84
CA VAL A 40 2.57 -49.43 20.08
C VAL A 40 1.41 -48.74 20.86
N SER A 41 1.65 -47.53 21.43
CA SER A 41 0.73 -46.75 22.28
C SER A 41 -0.54 -46.22 21.61
N GLY A 42 -0.54 -46.11 20.27
CA GLY A 42 -1.68 -45.58 19.53
C GLY A 42 -1.83 -44.07 19.60
N ASP A 43 -0.89 -43.39 20.28
CA ASP A 43 -0.85 -41.93 20.44
C ASP A 43 -0.53 -41.18 19.16
N LEU A 44 -1.35 -40.16 18.85
CA LEU A 44 -1.22 -39.28 17.70
C LEU A 44 -0.16 -38.21 17.93
N VAL A 45 0.64 -37.97 16.90
CA VAL A 45 1.72 -36.94 16.91
C VAL A 45 1.71 -36.22 15.58
N ALA A 46 2.36 -35.05 15.55
CA ALA A 46 2.61 -34.29 14.34
C ALA A 46 4.07 -34.54 14.02
N LEU A 47 4.35 -34.95 12.78
CA LEU A 47 5.70 -35.17 12.28
C LEU A 47 6.00 -34.24 11.14
N LYS A 48 6.88 -33.29 11.38
CA LYS A 48 7.33 -32.32 10.41
C LYS A 48 8.60 -32.87 9.74
N MET A 49 8.55 -33.05 8.41
CA MET A 49 9.68 -33.52 7.65
C MET A 49 10.29 -32.42 6.78
N VAL A 50 11.64 -32.25 6.84
CA VAL A 50 12.40 -31.30 6.00
C VAL A 50 13.59 -32.03 5.32
N LYS A 51 13.82 -31.73 4.02
CA LYS A 51 14.95 -32.25 3.22
C LYS A 51 16.24 -31.61 3.75
N MET A 52 17.12 -32.41 4.36
CA MET A 52 18.38 -31.98 4.96
C MET A 52 19.55 -32.49 4.11
N GLU A 53 19.96 -31.71 3.08
CA GLU A 53 21.05 -32.10 2.15
C GLU A 53 22.43 -32.19 2.85
N PRO A 54 23.43 -32.98 2.31
CA PRO A 54 24.71 -33.15 3.04
C PRO A 54 25.57 -31.88 3.16
N ASP A 55 25.49 -30.94 2.19
CA ASP A 55 26.27 -29.70 2.20
C ASP A 55 25.49 -28.46 2.71
N ASP A 56 24.19 -28.65 3.08
CA ASP A 56 23.29 -27.62 3.63
C ASP A 56 23.86 -27.02 4.89
N ASP A 57 23.47 -25.77 5.21
CA ASP A 57 23.98 -25.06 6.39
C ASP A 57 23.72 -25.77 7.73
N VAL A 58 22.46 -26.23 7.99
CA VAL A 58 22.06 -26.93 9.24
C VAL A 58 21.63 -25.92 10.33
N SER A 59 22.20 -24.70 10.33
CA SER A 59 21.94 -23.69 11.35
C SER A 59 20.45 -23.37 11.60
N THR A 60 19.62 -23.23 10.54
CA THR A 60 18.18 -22.97 10.68
C THR A 60 17.46 -24.12 11.41
N LEU A 61 17.61 -25.38 10.93
CA LEU A 61 16.96 -26.53 11.58
C LEU A 61 17.42 -26.67 13.04
N GLN A 62 18.73 -26.45 13.32
CA GLN A 62 19.34 -26.50 14.64
C GLN A 62 18.72 -25.45 15.58
N LYS A 63 18.46 -24.25 15.05
CA LYS A 63 17.83 -23.15 15.77
C LYS A 63 16.36 -23.48 16.06
N GLU A 64 15.66 -24.01 15.07
CA GLU A 64 14.24 -24.38 15.22
C GLU A 64 14.03 -25.43 16.29
N ILE A 65 14.85 -26.49 16.28
CA ILE A 65 14.66 -27.53 17.29
C ILE A 65 15.13 -26.97 18.65
N LEU A 66 16.15 -26.06 18.69
CA LEU A 66 16.58 -25.44 19.95
C LEU A 66 15.45 -24.64 20.61
N ILE A 67 14.73 -23.81 19.82
CA ILE A 67 13.59 -23.00 20.29
C ILE A 67 12.51 -23.90 20.87
N LEU A 68 12.13 -24.97 20.14
CA LEU A 68 11.08 -25.94 20.53
C LEU A 68 11.42 -26.74 21.78
N LYS A 69 12.66 -27.28 21.83
CA LYS A 69 13.24 -28.09 22.90
C LYS A 69 13.32 -27.33 24.23
N THR A 70 13.61 -26.01 24.19
CA THR A 70 13.78 -25.18 25.38
C THR A 70 12.50 -24.49 25.85
N CYS A 71 11.39 -24.68 25.10
CA CYS A 71 10.08 -24.15 25.46
C CYS A 71 9.38 -25.17 26.32
N ARG A 72 8.88 -24.74 27.46
CA ARG A 72 8.12 -25.59 28.37
C ARG A 72 6.94 -24.76 28.86
N HIS A 73 5.94 -24.59 27.97
CA HIS A 73 4.75 -23.78 28.22
C HIS A 73 3.56 -24.38 27.51
N ALA A 74 2.41 -24.38 28.19
CA ALA A 74 1.14 -24.89 27.69
C ALA A 74 0.76 -24.29 26.34
N ASN A 75 0.90 -22.94 26.17
CA ASN A 75 0.51 -22.25 24.95
C ASN A 75 1.54 -22.31 23.79
N ILE A 76 2.62 -23.12 23.92
CA ILE A 76 3.58 -23.38 22.83
C ILE A 76 3.56 -24.89 22.57
N VAL A 77 3.45 -25.34 21.28
CA VAL A 77 3.38 -26.77 20.91
C VAL A 77 4.48 -27.59 21.58
N ALA A 78 4.09 -28.72 22.22
CA ALA A 78 5.07 -29.63 22.83
C ALA A 78 6.04 -30.22 21.78
N TYR A 79 7.28 -30.43 22.22
CA TYR A 79 8.35 -30.99 21.44
C TYR A 79 8.67 -32.38 22.02
N HIS A 80 8.61 -33.42 21.18
CA HIS A 80 8.91 -34.79 21.62
C HIS A 80 10.35 -35.24 21.30
N GLY A 81 10.84 -34.96 20.08
CA GLY A 81 12.18 -35.33 19.65
C GLY A 81 12.42 -35.16 18.16
N SER A 82 13.64 -35.44 17.72
CA SER A 82 14.01 -35.29 16.32
C SER A 82 14.70 -36.51 15.78
N TYR A 83 14.50 -36.80 14.50
CA TYR A 83 15.06 -37.94 13.80
C TYR A 83 15.78 -37.48 12.54
N LEU A 84 17.02 -37.97 12.34
CA LEU A 84 17.77 -37.73 11.11
C LEU A 84 17.98 -39.06 10.42
N TRP A 85 17.56 -39.15 9.16
CA TRP A 85 17.68 -40.33 8.34
C TRP A 85 17.63 -40.00 6.86
N LEU A 86 18.60 -40.52 6.09
CA LEU A 86 18.69 -40.40 4.63
C LEU A 86 18.33 -39.02 4.07
N GLN A 87 18.97 -37.98 4.60
CA GLN A 87 18.78 -36.58 4.21
C GLN A 87 17.35 -36.05 4.49
N LYS A 88 16.72 -36.58 5.52
CA LYS A 88 15.40 -36.14 5.97
C LYS A 88 15.45 -35.93 7.45
N LEU A 89 15.08 -34.72 7.89
CA LEU A 89 15.00 -34.37 9.30
C LEU A 89 13.50 -34.40 9.68
N TRP A 90 13.16 -35.09 10.78
CA TRP A 90 11.79 -35.19 11.25
C TRP A 90 11.70 -34.61 12.67
N ILE A 91 10.84 -33.58 12.87
CA ILE A 91 10.59 -32.99 14.19
C ILE A 91 9.26 -33.52 14.70
N CYS A 92 9.31 -34.21 15.85
CA CYS A 92 8.13 -34.79 16.46
C CYS A 92 7.51 -33.86 17.47
N MET A 93 6.28 -33.45 17.19
CA MET A 93 5.57 -32.50 18.02
C MET A 93 4.16 -32.99 18.35
N GLU A 94 3.52 -32.25 19.22
CA GLU A 94 2.15 -32.50 19.66
C GLU A 94 1.18 -32.32 18.48
N PHE A 95 0.26 -33.28 18.30
CA PHE A 95 -0.80 -33.20 17.30
C PHE A 95 -1.94 -32.34 17.92
N CYS A 96 -2.51 -31.41 17.15
CA CYS A 96 -3.62 -30.57 17.62
C CYS A 96 -4.81 -30.90 16.75
N GLY A 97 -5.75 -31.65 17.35
CA GLY A 97 -6.93 -32.23 16.74
C GLY A 97 -7.84 -31.39 15.89
N ALA A 98 -8.00 -30.08 16.23
CA ALA A 98 -8.87 -29.18 15.45
C ALA A 98 -8.11 -28.41 14.39
N GLY A 99 -6.79 -28.57 14.35
CA GLY A 99 -5.92 -27.88 13.41
C GLY A 99 -5.75 -26.40 13.71
N SER A 100 -5.52 -25.58 12.67
CA SER A 100 -5.31 -24.15 12.86
C SER A 100 -6.61 -23.34 12.91
N LEU A 101 -6.57 -22.11 13.44
CA LEU A 101 -7.74 -21.21 13.49
C LEU A 101 -8.18 -20.88 12.10
N GLN A 102 -7.24 -20.80 11.15
CA GLN A 102 -7.48 -20.60 9.71
C GLN A 102 -8.27 -21.78 9.13
N ASP A 103 -7.84 -23.04 9.37
CA ASP A 103 -8.54 -24.21 8.89
C ASP A 103 -9.97 -24.21 9.43
N ILE A 104 -10.14 -23.75 10.69
CA ILE A 104 -11.41 -23.69 11.40
C ILE A 104 -12.33 -22.62 10.84
N TYR A 105 -11.92 -21.33 10.87
CA TYR A 105 -12.77 -20.22 10.41
C TYR A 105 -13.15 -20.31 8.93
N GLN A 106 -12.37 -21.03 8.11
CA GLN A 106 -12.66 -21.28 6.71
C GLN A 106 -13.91 -22.16 6.51
N VAL A 107 -14.34 -22.88 7.53
CA VAL A 107 -15.54 -23.74 7.49
C VAL A 107 -16.71 -23.06 8.26
N THR A 108 -16.35 -22.51 9.41
CA THR A 108 -17.15 -21.98 10.50
C THR A 108 -17.61 -20.51 10.31
N GLY A 109 -16.83 -19.69 9.59
CA GLY A 109 -17.10 -18.27 9.47
C GLY A 109 -16.42 -17.54 10.61
N SER A 110 -16.64 -16.24 10.74
CA SER A 110 -16.00 -15.41 11.76
C SER A 110 -16.27 -15.88 13.18
N LEU A 111 -15.27 -15.71 14.02
CA LEU A 111 -15.34 -16.09 15.43
C LEU A 111 -16.06 -14.98 16.18
N SER A 112 -16.69 -15.34 17.29
CA SER A 112 -17.37 -14.35 18.14
C SER A 112 -16.27 -13.57 18.93
N GLU A 113 -16.65 -12.40 19.50
CA GLU A 113 -15.74 -11.58 20.30
C GLU A 113 -15.16 -12.31 21.49
N LEU A 114 -15.96 -13.07 22.23
CA LEU A 114 -15.49 -13.81 23.38
C LEU A 114 -14.48 -14.91 22.97
N GLN A 115 -14.74 -15.57 21.81
CA GLN A 115 -13.85 -16.60 21.25
C GLN A 115 -12.52 -15.95 20.86
N ILE A 116 -12.55 -14.76 20.23
CA ILE A 116 -11.35 -13.99 19.86
C ILE A 116 -10.57 -13.60 21.09
N SER A 117 -11.28 -13.19 22.17
CA SER A 117 -10.75 -12.76 23.47
C SER A 117 -10.00 -13.87 24.21
N TYR A 118 -10.56 -15.09 24.25
CA TYR A 118 -9.87 -16.24 24.84
C TYR A 118 -8.61 -16.55 24.04
N VAL A 119 -8.69 -16.54 22.71
CA VAL A 119 -7.56 -16.85 21.84
C VAL A 119 -6.42 -15.83 22.05
N CYS A 120 -6.76 -14.53 22.05
CA CYS A 120 -5.85 -13.40 22.29
C CYS A 120 -5.12 -13.53 23.61
N ARG A 121 -5.83 -13.91 24.68
CA ARG A 121 -5.29 -14.11 26.01
C ARG A 121 -4.33 -15.28 26.01
N GLU A 122 -4.71 -16.41 25.35
CA GLU A 122 -3.85 -17.58 25.23
C GLU A 122 -2.61 -17.28 24.38
N VAL A 123 -2.79 -16.55 23.27
CA VAL A 123 -1.65 -16.12 22.43
C VAL A 123 -0.73 -15.19 23.23
N LEU A 124 -1.31 -14.22 23.99
CA LEU A 124 -0.53 -13.29 24.84
C LEU A 124 0.30 -14.01 25.92
N GLN A 125 -0.27 -15.09 26.53
CA GLN A 125 0.41 -15.93 27.53
C GLN A 125 1.64 -16.61 26.92
N GLY A 126 1.49 -17.16 25.70
CA GLY A 126 2.58 -17.78 24.96
C GLY A 126 3.65 -16.79 24.54
N LEU A 127 3.24 -15.57 24.13
CA LEU A 127 4.13 -14.47 23.74
C LEU A 127 4.90 -13.94 24.94
N ALA A 128 4.23 -13.72 26.08
CA ALA A 128 4.88 -13.25 27.33
C ALA A 128 5.95 -14.27 27.77
N TYR A 129 5.66 -15.58 27.61
CA TYR A 129 6.62 -16.63 27.91
C TYR A 129 7.82 -16.58 26.96
N LEU A 130 7.56 -16.43 25.65
CA LEU A 130 8.59 -16.40 24.62
C LEU A 130 9.52 -15.24 24.80
N HIS A 131 8.95 -14.03 24.98
CA HIS A 131 9.69 -12.76 25.12
C HIS A 131 10.55 -12.71 26.39
N SER A 132 10.09 -13.38 27.46
CA SER A 132 10.80 -13.51 28.73
C SER A 132 12.07 -14.38 28.59
N GLN A 133 12.10 -15.30 27.60
CA GLN A 133 13.32 -16.09 27.40
C GLN A 133 14.00 -15.72 26.09
N LYS A 134 13.92 -14.42 25.78
CA LYS A 134 14.56 -13.74 24.64
C LYS A 134 14.26 -14.40 23.30
N LYS A 135 13.01 -14.90 23.12
CA LYS A 135 12.56 -15.49 21.85
C LYS A 135 11.48 -14.63 21.23
N ILE A 136 11.41 -14.58 19.90
CA ILE A 136 10.39 -13.82 19.15
C ILE A 136 9.73 -14.82 18.21
N HIS A 137 8.39 -14.82 18.10
CA HIS A 137 7.75 -15.76 17.18
C HIS A 137 7.96 -15.26 15.75
N ARG A 138 7.69 -13.97 15.50
CA ARG A 138 7.83 -13.27 14.21
C ARG A 138 6.88 -13.77 13.10
N ASP A 139 6.05 -14.80 13.37
CA ASP A 139 5.12 -15.31 12.38
C ASP A 139 3.72 -15.57 12.95
N ILE A 140 3.28 -14.71 13.90
CA ILE A 140 1.94 -14.84 14.50
C ILE A 140 0.88 -14.58 13.41
N LYS A 141 -0.04 -15.54 13.23
CA LYS A 141 -1.16 -15.52 12.29
C LYS A 141 -2.11 -16.70 12.56
N GLY A 142 -3.31 -16.65 11.99
CA GLY A 142 -4.33 -17.70 12.13
C GLY A 142 -3.81 -19.10 11.82
N ALA A 143 -3.06 -19.23 10.69
CA ALA A 143 -2.43 -20.49 10.22
C ALA A 143 -1.48 -21.10 11.25
N ASN A 144 -0.89 -20.26 12.15
CA ASN A 144 0.09 -20.72 13.13
C ASN A 144 -0.45 -20.90 14.56
N ILE A 145 -1.76 -20.68 14.75
CA ILE A 145 -2.37 -20.84 16.06
C ILE A 145 -3.22 -22.10 15.96
N LEU A 146 -2.80 -23.12 16.70
CA LEU A 146 -3.44 -24.44 16.68
C LEU A 146 -4.35 -24.66 17.85
N ILE A 147 -5.39 -25.47 17.59
CA ILE A 147 -6.42 -25.81 18.56
C ILE A 147 -6.45 -27.32 18.75
N ASN A 148 -6.27 -27.79 19.99
CA ASN A 148 -6.37 -29.22 20.22
C ASN A 148 -7.85 -29.61 20.47
N ASP A 149 -8.14 -30.93 20.67
CA ASP A 149 -9.53 -31.36 20.88
C ASP A 149 -10.18 -30.80 22.15
N ALA A 150 -9.37 -30.51 23.18
CA ALA A 150 -9.75 -29.93 24.48
C ALA A 150 -10.09 -28.41 24.41
N GLY A 151 -9.98 -27.82 23.21
CA GLY A 151 -10.19 -26.40 22.98
C GLY A 151 -9.03 -25.54 23.46
N GLU A 152 -7.83 -26.15 23.65
CA GLU A 152 -6.65 -25.43 24.13
C GLU A 152 -5.91 -24.82 22.97
N VAL A 153 -5.22 -23.69 23.21
CA VAL A 153 -4.54 -22.91 22.18
C VAL A 153 -3.01 -23.08 22.22
N ARG A 154 -2.36 -23.45 21.07
CA ARG A 154 -0.90 -23.59 21.00
C ARG A 154 -0.26 -22.85 19.84
N LEU A 155 0.84 -22.13 20.08
CA LEU A 155 1.59 -21.47 19.02
C LEU A 155 2.48 -22.49 18.36
N ALA A 156 2.55 -22.44 17.02
CA ALA A 156 3.37 -23.36 16.22
C ALA A 156 4.11 -22.61 15.11
N ASP A 157 4.96 -23.32 14.38
CA ASP A 157 5.81 -22.88 13.26
C ASP A 157 6.80 -21.78 13.66
N PHE A 158 7.94 -22.25 14.17
CA PHE A 158 9.06 -21.38 14.52
C PHE A 158 10.04 -21.30 13.35
N GLY A 159 9.57 -21.65 12.15
CA GLY A 159 10.34 -21.61 10.90
C GLY A 159 10.90 -20.24 10.56
N ILE A 160 10.06 -19.18 10.55
CA ILE A 160 10.49 -17.79 10.31
C ILE A 160 11.48 -17.34 11.40
N SER A 161 11.16 -17.63 12.69
CA SER A 161 12.00 -17.29 13.84
C SER A 161 13.41 -17.92 13.71
N ALA A 162 13.45 -19.21 13.29
CA ALA A 162 14.70 -19.95 13.12
C ALA A 162 15.52 -19.38 11.98
N GLN A 163 14.89 -19.03 10.84
CA GLN A 163 15.60 -18.46 9.69
C GLN A 163 16.30 -17.13 10.06
N ILE A 164 15.60 -16.26 10.81
CA ILE A 164 16.09 -14.95 11.26
C ILE A 164 17.22 -15.11 12.29
N GLY A 165 17.02 -16.00 13.27
CA GLY A 165 18.00 -16.28 14.32
C GLY A 165 19.28 -16.84 13.72
N ALA A 166 19.15 -17.72 12.71
CA ALA A 166 20.30 -18.30 12.01
C ALA A 166 21.00 -17.24 11.17
N GLU A 167 20.25 -16.46 10.34
CA GLU A 167 20.87 -15.43 9.49
C GLU A 167 21.49 -14.29 10.29
N LEU A 168 20.95 -13.97 11.48
CA LEU A 168 21.48 -12.96 12.39
C LEU A 168 22.81 -13.44 13.01
N ALA A 169 22.90 -14.72 13.43
CA ALA A 169 24.13 -15.31 13.99
C ALA A 169 25.24 -15.40 12.95
N ARG A 170 24.89 -15.82 11.73
CA ARG A 170 25.74 -15.98 10.55
C ARG A 170 26.39 -14.64 10.21
N ARG A 171 25.58 -13.57 10.10
CA ARG A 171 26.03 -12.21 9.77
C ARG A 171 26.83 -11.53 10.90
N LEU A 172 26.67 -11.99 12.16
CA LEU A 172 27.38 -11.49 13.33
C LEU A 172 28.85 -11.99 13.34
N GLU A 173 29.18 -12.97 12.47
CA GLU A 173 30.53 -13.52 12.31
C GLU A 173 31.35 -12.59 11.39
N PHE A 174 30.68 -11.95 10.39
CA PHE A 174 31.26 -11.04 9.39
C PHE A 174 31.12 -9.56 9.77
N ILE A 175 30.74 -9.28 11.03
CA ILE A 175 30.50 -7.92 11.53
C ILE A 175 31.82 -7.10 11.67
N GLY A 176 32.83 -7.72 12.32
CA GLY A 176 34.14 -7.13 12.61
C GLY A 176 34.11 -6.30 13.89
N THR A 177 35.06 -5.34 14.05
CA THR A 177 35.05 -4.47 15.23
C THR A 177 33.92 -3.47 15.18
N PRO A 178 33.28 -3.20 16.33
CA PRO A 178 32.14 -2.27 16.33
C PRO A 178 32.48 -0.84 16.73
N TYR A 179 33.73 -0.53 17.09
CA TYR A 179 34.08 0.79 17.66
C TYR A 179 33.75 1.98 16.80
N TRP A 180 33.70 1.81 15.48
CA TRP A 180 33.41 2.93 14.59
C TRP A 180 31.96 2.95 14.09
N MET A 181 31.17 1.93 14.47
CA MET A 181 29.76 1.75 14.08
C MET A 181 28.80 2.70 14.74
N ALA A 182 27.86 3.22 13.94
CA ALA A 182 26.80 4.11 14.41
C ALA A 182 25.79 3.26 15.22
N PRO A 183 25.10 3.83 16.24
CA PRO A 183 24.14 3.00 17.04
C PRO A 183 23.08 2.22 16.23
N GLU A 184 22.64 2.75 15.09
CA GLU A 184 21.65 2.09 14.22
C GLU A 184 22.25 0.90 13.50
N VAL A 185 23.57 0.92 13.22
CA VAL A 185 24.27 -0.17 12.54
C VAL A 185 24.43 -1.32 13.53
N ALA A 186 24.73 -0.97 14.81
CA ALA A 186 24.85 -1.93 15.92
C ALA A 186 23.51 -2.69 16.11
N ALA A 187 22.37 -1.95 16.07
CA ALA A 187 20.98 -2.44 16.21
C ALA A 187 20.57 -3.48 15.14
N VAL A 188 20.95 -3.30 13.84
CA VAL A 188 20.60 -4.29 12.81
C VAL A 188 21.50 -5.54 12.95
N ALA A 189 22.74 -5.36 13.42
CA ALA A 189 23.68 -6.46 13.64
C ALA A 189 23.22 -7.36 14.80
N LEU A 190 22.75 -6.75 15.89
CA LEU A 190 22.31 -7.45 17.11
C LEU A 190 20.84 -7.88 17.12
N LYS A 191 19.92 -6.98 16.71
CA LYS A 191 18.48 -7.23 16.76
C LYS A 191 17.76 -7.23 15.39
N GLY A 192 18.47 -7.00 14.30
CA GLY A 192 17.85 -6.92 12.98
C GLY A 192 17.18 -5.60 12.69
N GLY A 193 17.22 -4.66 13.62
CA GLY A 193 16.61 -3.34 13.44
C GLY A 193 15.21 -3.22 14.00
N TYR A 194 14.75 -4.25 14.77
CA TYR A 194 13.44 -4.25 15.43
C TYR A 194 13.48 -5.17 16.67
N ASN A 195 12.35 -5.27 17.40
CA ASN A 195 12.28 -6.08 18.60
C ASN A 195 10.98 -6.96 18.66
N GLU A 196 10.75 -7.63 19.80
CA GLU A 196 9.66 -8.57 20.05
C GLU A 196 8.26 -7.97 19.96
N LEU A 197 8.16 -6.64 19.86
CA LEU A 197 6.88 -5.93 19.80
C LEU A 197 6.20 -6.07 18.44
N CYS A 198 6.96 -6.58 17.45
CA CYS A 198 6.45 -6.92 16.13
C CYS A 198 5.34 -8.03 16.32
N ASP A 199 5.51 -8.93 17.34
CA ASP A 199 4.58 -10.02 17.71
C ASP A 199 3.23 -9.51 18.19
N ILE A 200 3.23 -8.38 18.95
CA ILE A 200 2.04 -7.70 19.48
C ILE A 200 1.20 -7.13 18.34
N TRP A 201 1.83 -6.50 17.34
CA TRP A 201 1.19 -6.00 16.13
C TRP A 201 0.58 -7.16 15.34
N SER A 202 1.34 -8.27 15.13
CA SER A 202 0.85 -9.45 14.41
C SER A 202 -0.39 -10.03 15.06
N LEU A 203 -0.46 -10.01 16.41
CA LEU A 203 -1.61 -10.50 17.15
C LEU A 203 -2.84 -9.63 16.89
N GLY A 204 -2.65 -8.31 16.82
CA GLY A 204 -3.72 -7.37 16.49
C GLY A 204 -4.26 -7.65 15.10
N ILE A 205 -3.39 -7.90 14.11
CA ILE A 205 -3.81 -8.25 12.75
C ILE A 205 -4.59 -9.60 12.80
N THR A 206 -4.09 -10.58 13.61
CA THR A 206 -4.70 -11.88 13.82
C THR A 206 -6.11 -11.72 14.40
N ALA A 207 -6.31 -10.88 15.41
CA ALA A 207 -7.65 -10.61 15.95
C ALA A 207 -8.66 -10.13 14.83
N ILE A 208 -8.21 -9.26 13.89
CA ILE A 208 -9.03 -8.79 12.75
C ILE A 208 -9.28 -9.96 11.81
N GLU A 209 -8.20 -10.70 11.47
CA GLU A 209 -8.28 -11.89 10.63
C GLU A 209 -9.38 -12.88 11.09
N LEU A 210 -9.47 -13.13 12.41
CA LEU A 210 -10.45 -14.01 13.05
C LEU A 210 -11.87 -13.43 13.06
N ALA A 211 -11.98 -12.11 13.01
CA ALA A 211 -13.24 -11.38 13.02
C ALA A 211 -13.79 -11.15 11.61
N GLU A 212 -12.92 -11.12 10.60
CA GLU A 212 -13.29 -10.78 9.22
C GLU A 212 -12.89 -11.79 8.15
N LEU A 213 -12.24 -12.91 8.54
CA LEU A 213 -11.84 -14.07 7.70
C LEU A 213 -10.64 -13.80 6.77
N GLN A 214 -10.07 -12.60 6.88
CA GLN A 214 -8.90 -12.17 6.13
C GLN A 214 -8.20 -11.04 6.85
N PRO A 215 -6.85 -10.94 6.75
CA PRO A 215 -6.18 -9.82 7.39
C PRO A 215 -6.47 -8.53 6.57
N PRO A 216 -6.37 -7.31 7.16
CA PRO A 216 -6.55 -6.09 6.33
C PRO A 216 -5.61 -6.10 5.11
N LEU A 217 -6.09 -5.56 3.97
CA LEU A 217 -5.35 -5.40 2.70
C LEU A 217 -4.89 -6.72 2.06
N PHE A 218 -5.65 -7.83 2.31
CA PHE A 218 -5.41 -9.15 1.74
CA PHE A 218 -5.29 -9.11 1.72
C PHE A 218 -5.42 -9.11 0.20
N ASP A 219 -6.26 -8.21 -0.36
CA ASP A 219 -6.46 -8.03 -1.81
C ASP A 219 -5.49 -7.00 -2.42
N VAL A 220 -4.50 -6.53 -1.65
CA VAL A 220 -3.48 -5.57 -2.12
C VAL A 220 -2.20 -6.39 -2.32
N HIS A 221 -1.43 -6.05 -3.36
CA HIS A 221 -0.17 -6.68 -3.73
C HIS A 221 0.77 -6.80 -2.52
N PRO A 222 1.36 -8.00 -2.28
CA PRO A 222 2.25 -8.14 -1.10
C PRO A 222 3.32 -7.05 -0.97
N LEU A 223 3.96 -6.67 -2.09
CA LEU A 223 4.96 -5.61 -2.12
C LEU A 223 4.36 -4.24 -1.84
N ARG A 224 3.18 -3.94 -2.43
CA ARG A 224 2.47 -2.68 -2.20
C ARG A 224 2.09 -2.49 -0.73
N VAL A 225 1.61 -3.56 -0.02
CA VAL A 225 1.24 -3.47 1.41
C VAL A 225 2.48 -3.08 2.23
N LEU A 226 3.66 -3.67 1.94
CA LEU A 226 4.91 -3.34 2.60
C LEU A 226 5.25 -1.87 2.36
N PHE A 227 5.09 -1.43 1.09
CA PHE A 227 5.34 -0.07 0.63
C PHE A 227 4.49 0.96 1.38
N LEU A 228 3.18 0.72 1.47
CA LEU A 228 2.26 1.63 2.17
C LEU A 228 2.61 1.80 3.64
N MET A 229 3.17 0.76 4.29
CA MET A 229 3.61 0.81 5.69
C MET A 229 4.82 1.71 5.92
N THR A 230 5.69 1.82 4.91
CA THR A 230 6.92 2.61 4.88
C THR A 230 6.58 4.12 4.73
N LYS A 231 5.43 4.45 4.13
CA LYS A 231 4.96 5.82 3.90
C LYS A 231 4.67 6.58 5.21
N SER A 232 4.80 7.93 5.16
CA SER A 232 4.50 8.82 6.29
C SER A 232 3.00 9.07 6.28
N GLY A 233 2.39 9.07 7.45
CA GLY A 233 0.95 9.20 7.58
C GLY A 233 0.26 7.88 7.28
N TYR A 234 0.96 6.75 7.57
CA TYR A 234 0.40 5.41 7.39
C TYR A 234 -0.55 5.19 8.57
N GLN A 235 -1.80 4.87 8.26
CA GLN A 235 -2.77 4.63 9.30
C GLN A 235 -2.90 3.14 9.65
N PRO A 236 -2.73 2.75 10.93
CA PRO A 236 -2.94 1.34 11.33
C PRO A 236 -4.37 0.86 11.01
N PRO A 237 -4.54 -0.42 10.59
CA PRO A 237 -5.90 -0.93 10.27
C PRO A 237 -6.90 -0.89 11.43
N ARG A 238 -8.20 -1.07 11.10
CA ARG A 238 -9.34 -1.05 12.05
C ARG A 238 -10.35 -2.12 11.68
N LEU A 239 -11.29 -2.41 12.59
CA LEU A 239 -12.37 -3.35 12.32
C LEU A 239 -13.39 -2.67 11.39
N LYS A 240 -13.83 -3.37 10.34
CA LYS A 240 -14.77 -2.86 9.32
C LYS A 240 -16.16 -2.53 9.89
N GLU A 241 -16.84 -3.55 10.49
CA GLU A 241 -18.19 -3.48 11.07
C GLU A 241 -18.12 -2.85 12.46
N LYS A 242 -18.28 -1.53 12.50
CA LYS A 242 -18.17 -0.72 13.70
C LYS A 242 -19.08 -1.14 14.89
N GLY A 243 -20.37 -1.40 14.63
CA GLY A 243 -21.35 -1.78 15.66
C GLY A 243 -21.41 -3.25 16.05
N LYS A 244 -20.63 -4.10 15.38
CA LYS A 244 -20.59 -5.53 15.68
C LYS A 244 -19.76 -5.79 16.95
N TRP A 245 -18.78 -4.93 17.21
CA TRP A 245 -17.82 -5.13 18.29
C TRP A 245 -17.89 -4.12 19.41
N SER A 246 -17.57 -4.59 20.63
CA SER A 246 -17.51 -3.80 21.84
C SER A 246 -16.40 -2.75 21.77
N ALA A 247 -16.45 -1.79 22.72
CA ALA A 247 -15.49 -0.71 22.84
C ALA A 247 -14.12 -1.28 23.23
N ALA A 248 -14.12 -2.33 24.08
CA ALA A 248 -12.90 -3.03 24.54
C ALA A 248 -12.14 -3.69 23.37
N PHE A 249 -12.90 -4.28 22.41
CA PHE A 249 -12.31 -4.91 21.23
C PHE A 249 -11.67 -3.88 20.30
N HIS A 250 -12.36 -2.75 20.05
CA HIS A 250 -11.84 -1.66 19.24
C HIS A 250 -10.55 -1.04 19.83
N ASN A 251 -10.46 -0.96 21.16
CA ASN A 251 -9.31 -0.41 21.87
C ASN A 251 -8.18 -1.41 21.88
N PHE A 252 -8.51 -2.73 22.06
CA PHE A 252 -7.53 -3.81 22.00
C PHE A 252 -6.82 -3.71 20.66
N ILE A 253 -7.58 -3.56 19.56
CA ILE A 253 -7.05 -3.39 18.20
C ILE A 253 -6.22 -2.11 18.10
N LYS A 254 -6.70 -1.01 18.73
CA LYS A 254 -5.99 0.27 18.71
C LYS A 254 -4.62 0.24 19.41
N VAL A 255 -4.52 -0.38 20.60
CA VAL A 255 -3.24 -0.39 21.34
C VAL A 255 -2.27 -1.46 20.77
N THR A 256 -2.77 -2.66 20.35
CA THR A 256 -1.89 -3.69 19.74
C THR A 256 -1.32 -3.16 18.41
N LEU A 257 -2.14 -2.43 17.65
CA LEU A 257 -1.72 -1.87 16.36
C LEU A 257 -1.14 -0.42 16.47
N THR A 258 -0.45 -0.09 17.60
CA THR A 258 0.27 1.18 17.76
C THR A 258 1.42 1.18 16.71
N LYS A 259 1.44 2.16 15.79
CA LYS A 259 2.43 2.26 14.72
C LYS A 259 3.89 2.30 15.21
N SER A 260 4.14 2.97 16.33
CA SER A 260 5.46 3.14 16.91
C SER A 260 5.77 2.05 17.93
N PRO A 261 6.83 1.25 17.70
CA PRO A 261 7.15 0.17 18.65
C PRO A 261 7.53 0.65 20.05
N LYS A 262 8.05 1.88 20.15
CA LYS A 262 8.42 2.52 21.42
C LYS A 262 7.17 2.77 22.28
N LYS A 263 6.00 2.90 21.63
CA LYS A 263 4.71 3.16 22.30
C LYS A 263 3.80 1.92 22.42
N ARG A 264 4.12 0.84 21.69
CA ARG A 264 3.33 -0.40 21.68
C ARG A 264 3.48 -1.21 22.98
N PRO A 265 2.36 -1.62 23.64
CA PRO A 265 2.48 -2.40 24.87
C PRO A 265 3.07 -3.77 24.68
N SER A 266 3.74 -4.24 25.72
CA SER A 266 4.37 -5.55 25.76
C SER A 266 3.23 -6.61 25.99
N ALA A 267 3.55 -7.90 25.82
CA ALA A 267 2.63 -9.02 26.02
C ALA A 267 2.09 -9.03 27.45
N THR A 268 2.98 -8.75 28.44
CA THR A 268 2.62 -8.75 29.87
C THR A 268 1.66 -7.63 30.17
N LYS A 269 1.89 -6.41 29.62
CA LYS A 269 0.99 -5.28 29.81
C LYS A 269 -0.39 -5.64 29.20
N MET A 270 -0.38 -6.10 27.92
CA MET A 270 -1.55 -6.52 27.17
C MET A 270 -2.43 -7.50 27.93
N LEU A 271 -1.84 -8.38 28.73
CA LEU A 271 -2.55 -9.38 29.51
C LEU A 271 -3.47 -8.76 30.59
N SER A 272 -3.28 -7.48 30.91
CA SER A 272 -4.14 -6.79 31.89
C SER A 272 -5.17 -5.89 31.20
N HIS A 273 -5.22 -5.90 29.85
CA HIS A 273 -6.23 -5.19 29.05
C HIS A 273 -7.60 -5.81 29.34
N GLN A 274 -8.64 -4.96 29.42
CA GLN A 274 -10.04 -5.33 29.72
C GLN A 274 -10.57 -6.49 28.86
N LEU A 275 -10.26 -6.50 27.54
CA LEU A 275 -10.73 -7.53 26.61
C LEU A 275 -10.29 -8.93 27.00
N VAL A 276 -9.00 -9.09 27.36
CA VAL A 276 -8.40 -10.40 27.69
C VAL A 276 -8.37 -10.66 29.20
N SER A 277 -8.78 -9.67 30.02
CA SER A 277 -8.83 -9.76 31.48
C SER A 277 -10.21 -10.11 32.01
N GLN A 278 -11.25 -9.91 31.17
CA GLN A 278 -12.66 -10.16 31.51
C GLN A 278 -12.93 -11.59 31.99
N PRO A 279 -13.94 -11.78 32.89
CA PRO A 279 -14.23 -13.15 33.37
C PRO A 279 -14.97 -13.98 32.31
N GLY A 280 -14.98 -15.30 32.48
CA GLY A 280 -15.69 -16.20 31.57
C GLY A 280 -14.94 -16.56 30.30
N LEU A 281 -13.64 -16.22 30.21
CA LEU A 281 -12.84 -16.64 29.07
C LEU A 281 -12.21 -17.96 29.45
N ASN A 282 -12.65 -19.04 28.80
CA ASN A 282 -12.19 -20.41 29.01
C ASN A 282 -12.39 -21.24 27.71
N ARG A 283 -11.84 -22.46 27.69
CA ARG A 283 -11.85 -23.42 26.58
C ARG A 283 -13.28 -23.73 26.03
N GLY A 284 -14.30 -23.62 26.90
CA GLY A 284 -15.69 -23.91 26.56
C GLY A 284 -16.20 -23.11 25.38
N LEU A 285 -15.69 -21.88 25.25
CA LEU A 285 -15.98 -20.93 24.17
C LEU A 285 -15.49 -21.51 22.83
N ILE A 286 -14.32 -22.20 22.89
CA ILE A 286 -13.70 -22.83 21.73
C ILE A 286 -14.37 -24.20 21.47
N LEU A 287 -14.81 -24.91 22.53
CA LEU A 287 -15.58 -26.16 22.35
C LEU A 287 -16.87 -25.89 21.56
N ASP A 288 -17.51 -24.74 21.80
CA ASP A 288 -18.68 -24.28 21.05
C ASP A 288 -18.31 -24.00 19.58
N LEU A 289 -17.10 -23.45 19.31
CA LEU A 289 -16.61 -23.24 17.94
C LEU A 289 -16.42 -24.59 17.23
N LEU A 290 -15.81 -25.58 17.91
CA LEU A 290 -15.58 -26.91 17.36
C LEU A 290 -16.86 -27.71 17.14
N ASP A 291 -17.93 -27.42 17.91
CA ASP A 291 -19.23 -28.10 17.73
C ASP A 291 -19.84 -27.71 16.40
N LYS A 292 -19.66 -26.44 16.02
CA LYS A 292 -20.09 -25.81 14.77
C LYS A 292 -19.23 -26.37 13.59
N LEU A 293 -17.94 -26.64 13.85
CA LEU A 293 -17.02 -27.24 12.86
C LEU A 293 -17.56 -28.63 12.50
N LYS A 294 -17.91 -29.43 13.52
CA LYS A 294 -18.46 -30.78 13.37
C LYS A 294 -19.88 -30.78 12.76
N ASN A 295 -20.65 -29.68 12.95
CA ASN A 295 -22.00 -29.47 12.41
C ASN A 295 -22.45 -28.03 12.62
N ASP B 7 33.53 -9.00 -13.36
CA ASP B 7 33.91 -7.79 -14.12
C ASP B 7 33.92 -7.95 -15.67
N PRO B 8 33.16 -7.11 -16.43
CA PRO B 8 33.22 -7.21 -17.90
C PRO B 8 34.56 -6.74 -18.53
N ASP B 9 35.40 -5.95 -17.80
CA ASP B 9 36.67 -5.45 -18.33
C ASP B 9 37.94 -6.17 -17.80
N ILE B 10 37.77 -7.29 -17.08
CA ILE B 10 38.86 -8.05 -16.45
C ILE B 10 39.94 -8.56 -17.43
N PHE B 11 41.23 -8.49 -17.02
CA PHE B 11 42.39 -8.99 -17.77
C PHE B 11 42.59 -10.43 -17.32
N ASN B 12 42.50 -11.37 -18.26
CA ASN B 12 42.61 -12.80 -18.00
C ASN B 12 44.03 -13.32 -18.12
N ARG B 13 44.90 -12.83 -17.23
CA ARG B 13 46.33 -13.16 -17.14
C ARG B 13 46.86 -12.75 -15.77
N ASP B 14 48.05 -13.21 -15.44
CA ASP B 14 48.73 -12.89 -14.19
C ASP B 14 49.30 -11.45 -14.22
N PRO B 15 48.98 -10.58 -13.20
CA PRO B 15 49.54 -9.20 -13.20
C PRO B 15 51.06 -9.15 -13.03
N ARG B 16 51.67 -10.24 -12.54
CA ARG B 16 53.12 -10.39 -12.42
C ARG B 16 53.82 -10.55 -13.78
N ASP B 17 53.09 -10.34 -14.89
CA ASP B 17 53.64 -10.29 -16.25
C ASP B 17 54.06 -8.83 -16.45
N HIS B 18 53.28 -7.90 -15.87
CA HIS B 18 53.47 -6.45 -15.96
C HIS B 18 54.07 -5.81 -14.70
N TYR B 19 53.97 -6.48 -13.55
CA TYR B 19 54.44 -5.91 -12.30
C TYR B 19 55.32 -6.84 -11.52
N ASP B 20 56.23 -6.24 -10.75
CA ASP B 20 57.05 -6.96 -9.78
C ASP B 20 56.42 -6.71 -8.39
N LEU B 21 56.07 -7.78 -7.65
CA LEU B 21 55.55 -7.68 -6.28
C LEU B 21 56.73 -7.29 -5.38
N LEU B 22 56.62 -6.18 -4.62
CA LEU B 22 57.70 -5.63 -3.80
C LEU B 22 57.65 -5.96 -2.30
N GLN B 23 56.46 -5.79 -1.67
CA GLN B 23 56.23 -6.03 -0.23
C GLN B 23 54.74 -6.08 0.06
N ARG B 24 54.37 -6.88 1.04
CA ARG B 24 52.99 -6.97 1.49
C ARG B 24 52.73 -5.74 2.37
N LEU B 25 51.64 -5.00 2.06
CA LEU B 25 51.22 -3.79 2.78
C LEU B 25 50.22 -4.06 3.92
N GLY B 26 49.49 -5.16 3.85
CA GLY B 26 48.50 -5.51 4.86
C GLY B 26 47.42 -6.44 4.37
N GLY B 27 46.41 -6.63 5.20
CA GLY B 27 45.28 -7.49 4.93
C GLY B 27 44.08 -6.68 4.47
N GLY B 28 43.17 -6.41 5.39
CA GLY B 28 41.94 -5.66 5.12
C GLY B 28 40.76 -6.58 5.27
N THR B 29 39.52 -6.07 5.05
CA THR B 29 38.29 -6.85 5.18
C THR B 29 38.47 -8.29 4.70
N TYR B 30 38.86 -8.46 3.42
CA TYR B 30 39.21 -9.76 2.87
C TYR B 30 40.45 -9.56 1.95
N GLY B 31 41.15 -10.64 1.62
CA GLY B 31 42.32 -10.61 0.76
C GLY B 31 43.53 -9.91 1.36
N GLU B 32 44.60 -9.74 0.54
CA GLU B 32 45.89 -9.13 0.92
C GLU B 32 46.24 -8.02 -0.03
N VAL B 33 46.91 -6.95 0.45
CA VAL B 33 47.35 -5.87 -0.43
C VAL B 33 48.89 -5.90 -0.53
N PHE B 34 49.44 -5.85 -1.76
CA PHE B 34 50.87 -5.83 -2.05
C PHE B 34 51.24 -4.56 -2.76
N LYS B 35 52.49 -4.13 -2.59
CA LYS B 35 53.04 -3.00 -3.30
C LYS B 35 53.62 -3.63 -4.57
N ALA B 36 53.36 -3.00 -5.73
CA ALA B 36 53.87 -3.50 -7.01
C ALA B 36 54.48 -2.40 -7.86
N ARG B 37 55.51 -2.77 -8.64
CA ARG B 37 56.17 -1.84 -9.54
C ARG B 37 56.02 -2.31 -11.02
N ASP B 38 55.48 -1.44 -11.89
CA ASP B 38 55.33 -1.69 -13.33
C ASP B 38 56.74 -1.92 -13.90
N LYS B 39 56.95 -3.10 -14.51
CA LYS B 39 58.22 -3.55 -15.09
C LYS B 39 58.87 -2.61 -16.09
N VAL B 40 58.08 -1.93 -16.93
CA VAL B 40 58.69 -1.08 -17.94
C VAL B 40 58.79 0.40 -17.48
N SER B 41 57.69 1.00 -16.96
CA SER B 41 57.62 2.41 -16.53
C SER B 41 58.11 2.73 -15.10
N GLY B 42 58.36 1.68 -14.29
CA GLY B 42 58.76 1.85 -12.89
C GLY B 42 57.65 2.33 -11.95
N ASP B 43 56.45 2.66 -12.51
CA ASP B 43 55.28 3.19 -11.78
C ASP B 43 54.78 2.26 -10.69
N LEU B 44 54.40 2.84 -9.54
CA LEU B 44 53.94 2.07 -8.39
C LEU B 44 52.44 1.97 -8.31
N VAL B 45 51.95 0.78 -7.96
CA VAL B 45 50.53 0.47 -7.76
C VAL B 45 50.39 -0.38 -6.49
N ALA B 46 49.14 -0.48 -6.00
CA ALA B 46 48.75 -1.36 -4.91
C ALA B 46 47.96 -2.49 -5.56
N LEU B 47 48.34 -3.73 -5.28
CA LEU B 47 47.65 -4.90 -5.82
C LEU B 47 46.95 -5.66 -4.71
N LYS B 48 45.63 -5.67 -4.76
CA LYS B 48 44.82 -6.38 -3.80
C LYS B 48 44.53 -7.77 -4.37
N MET B 49 45.10 -8.80 -3.77
CA MET B 49 44.96 -10.18 -4.19
C MET B 49 43.91 -10.92 -3.34
N VAL B 50 42.89 -11.48 -4.01
CA VAL B 50 41.82 -12.26 -3.36
C VAL B 50 41.78 -13.67 -3.98
N LYS B 51 41.83 -14.71 -3.14
CA LYS B 51 41.73 -16.09 -3.60
C LYS B 51 40.24 -16.41 -3.89
N MET B 52 39.96 -17.27 -4.88
CA MET B 52 38.57 -17.57 -5.25
C MET B 52 38.12 -18.98 -4.82
N VAL B 58 30.91 -14.84 -5.31
CA VAL B 58 31.38 -14.14 -6.52
C VAL B 58 30.78 -12.71 -6.63
N SER B 59 29.53 -12.50 -6.20
CA SER B 59 28.85 -11.19 -6.27
C SER B 59 29.51 -10.08 -5.41
N THR B 60 30.16 -10.45 -4.26
CA THR B 60 30.88 -9.53 -3.37
CA THR B 60 30.87 -9.51 -3.37
C THR B 60 31.97 -8.81 -4.16
N LEU B 61 32.88 -9.61 -4.78
CA LEU B 61 34.00 -9.13 -5.59
C LEU B 61 33.56 -8.34 -6.83
N GLN B 62 32.40 -8.69 -7.42
CA GLN B 62 31.78 -8.01 -8.55
C GLN B 62 31.30 -6.64 -8.10
N LYS B 63 30.64 -6.57 -6.91
CA LYS B 63 30.13 -5.33 -6.30
C LYS B 63 31.32 -4.46 -5.90
N GLU B 64 32.42 -5.08 -5.43
CA GLU B 64 33.62 -4.31 -5.08
C GLU B 64 34.27 -3.68 -6.35
N ILE B 65 34.53 -4.48 -7.42
CA ILE B 65 35.12 -3.93 -8.66
C ILE B 65 34.23 -2.80 -9.22
N LEU B 66 32.90 -2.99 -9.19
CA LEU B 66 31.93 -2.02 -9.66
C LEU B 66 31.97 -0.73 -8.85
N ILE B 67 32.02 -0.79 -7.50
CA ILE B 67 32.11 0.42 -6.65
C ILE B 67 33.39 1.25 -7.03
N LEU B 68 34.54 0.59 -7.11
CA LEU B 68 35.83 1.16 -7.47
C LEU B 68 35.92 1.70 -8.89
N LYS B 69 35.40 0.94 -9.88
CA LYS B 69 35.38 1.31 -11.31
C LYS B 69 34.55 2.57 -11.58
N THR B 70 33.39 2.72 -10.88
CA THR B 70 32.45 3.83 -11.08
C THR B 70 32.76 5.09 -10.22
N CYS B 71 33.82 5.05 -9.41
CA CYS B 71 34.29 6.21 -8.65
C CYS B 71 35.33 6.92 -9.47
N ARG B 72 35.09 8.21 -9.72
CA ARG B 72 36.01 9.11 -10.39
C ARG B 72 36.08 10.35 -9.52
N HIS B 73 36.84 10.24 -8.42
CA HIS B 73 36.98 11.34 -7.46
C HIS B 73 38.34 11.27 -6.78
N ALA B 74 39.00 12.43 -6.62
CA ALA B 74 40.33 12.52 -6.03
C ALA B 74 40.46 11.86 -4.63
N ASN B 75 39.44 11.99 -3.76
CA ASN B 75 39.46 11.44 -2.42
C ASN B 75 39.02 9.97 -2.29
N ILE B 76 38.98 9.23 -3.41
CA ILE B 76 38.67 7.78 -3.42
C ILE B 76 39.79 7.16 -4.23
N VAL B 77 40.49 6.13 -3.68
CA VAL B 77 41.59 5.44 -4.35
C VAL B 77 41.22 5.12 -5.81
N ALA B 78 42.07 5.58 -6.72
CA ALA B 78 41.93 5.39 -8.18
C ALA B 78 41.96 3.90 -8.51
N TYR B 79 41.10 3.48 -9.44
CA TYR B 79 41.02 2.11 -9.91
C TYR B 79 41.68 2.02 -11.31
N HIS B 80 42.62 1.06 -11.50
CA HIS B 80 43.34 0.88 -12.76
C HIS B 80 42.91 -0.36 -13.55
N GLY B 81 42.21 -1.28 -12.90
CA GLY B 81 41.77 -2.52 -13.53
C GLY B 81 41.91 -3.73 -12.63
N SER B 82 41.39 -4.86 -13.10
CA SER B 82 41.42 -6.13 -12.38
C SER B 82 41.95 -7.25 -13.26
N TYR B 83 42.57 -8.26 -12.61
CA TYR B 83 43.23 -9.41 -13.22
C TYR B 83 42.68 -10.69 -12.60
N LEU B 84 42.58 -11.74 -13.41
CA LEU B 84 42.10 -13.04 -12.94
C LEU B 84 42.92 -14.14 -13.61
N TRP B 85 43.66 -14.89 -12.79
CA TRP B 85 44.50 -15.99 -13.26
C TRP B 85 44.76 -17.02 -12.15
N LEU B 86 44.40 -18.30 -12.41
CA LEU B 86 44.57 -19.46 -11.52
C LEU B 86 43.91 -19.22 -10.15
N GLN B 87 42.60 -18.91 -10.16
CA GLN B 87 41.75 -18.68 -8.98
C GLN B 87 42.18 -17.46 -8.10
N LYS B 88 43.09 -16.62 -8.62
CA LYS B 88 43.52 -15.41 -7.93
C LYS B 88 43.02 -14.19 -8.67
N LEU B 89 42.21 -13.39 -7.98
CA LEU B 89 41.68 -12.13 -8.48
C LEU B 89 42.59 -11.02 -7.92
N TRP B 90 43.04 -10.10 -8.79
CA TRP B 90 43.95 -9.00 -8.41
C TRP B 90 43.31 -7.68 -8.75
N ILE B 91 43.16 -6.81 -7.76
CA ILE B 91 42.55 -5.50 -7.97
C ILE B 91 43.68 -4.49 -7.92
N CYS B 92 43.91 -3.78 -9.04
CA CYS B 92 44.96 -2.78 -9.21
C CYS B 92 44.42 -1.42 -8.88
N MET B 93 45.00 -0.81 -7.85
CA MET B 93 44.58 0.52 -7.38
C MET B 93 45.78 1.39 -7.15
N GLU B 94 45.52 2.65 -6.84
CA GLU B 94 46.47 3.67 -6.50
C GLU B 94 47.34 3.28 -5.26
N PHE B 95 48.65 3.44 -5.36
CA PHE B 95 49.55 3.20 -4.23
C PHE B 95 49.65 4.51 -3.42
N CYS B 96 49.54 4.39 -2.08
CA CYS B 96 49.64 5.56 -1.21
C CYS B 96 50.86 5.43 -0.30
N GLY B 97 51.95 6.06 -0.77
CA GLY B 97 53.28 6.09 -0.17
C GLY B 97 53.43 6.23 1.34
N ALA B 98 52.51 6.95 2.01
CA ALA B 98 52.63 7.13 3.46
C ALA B 98 51.81 6.13 4.29
N GLY B 99 51.01 5.29 3.64
CA GLY B 99 50.19 4.30 4.32
C GLY B 99 48.92 4.90 4.85
N SER B 100 48.31 4.21 5.77
CA SER B 100 47.07 4.65 6.41
C SER B 100 47.39 5.63 7.51
N LEU B 101 46.37 6.41 7.95
CA LEU B 101 46.52 7.34 9.05
C LEU B 101 46.87 6.60 10.36
N GLN B 102 46.38 5.34 10.50
CA GLN B 102 46.71 4.44 11.61
C GLN B 102 48.20 4.07 11.59
N ASP B 103 48.76 3.75 10.42
CA ASP B 103 50.19 3.44 10.27
C ASP B 103 51.03 4.63 10.72
N ILE B 104 50.58 5.82 10.32
CA ILE B 104 51.19 7.09 10.63
C ILE B 104 51.12 7.42 12.16
N TYR B 105 49.90 7.56 12.73
CA TYR B 105 49.74 7.99 14.13
C TYR B 105 50.35 7.01 15.14
N GLN B 106 50.56 5.76 14.73
CA GLN B 106 51.20 4.76 15.60
C GLN B 106 52.69 5.08 15.81
N VAL B 107 53.31 5.84 14.90
CA VAL B 107 54.72 6.24 14.97
C VAL B 107 54.85 7.68 15.50
N THR B 108 53.96 8.52 15.03
CA THR B 108 53.88 9.97 15.13
C THR B 108 53.20 10.48 16.40
N GLY B 109 52.25 9.71 16.94
CA GLY B 109 51.39 10.14 18.04
C GLY B 109 50.22 10.96 17.50
N SER B 110 49.47 11.60 18.37
CA SER B 110 48.27 12.37 18.03
C SER B 110 48.43 13.42 16.93
N LEU B 111 47.42 13.54 16.06
CA LEU B 111 47.43 14.59 15.03
C LEU B 111 47.04 15.92 15.70
N SER B 112 47.42 17.06 15.07
CA SER B 112 47.03 18.36 15.59
C SER B 112 45.58 18.63 15.09
N GLU B 113 44.90 19.60 15.69
CA GLU B 113 43.53 19.93 15.32
C GLU B 113 43.44 20.32 13.83
N LEU B 114 44.40 21.15 13.34
CA LEU B 114 44.43 21.57 11.93
C LEU B 114 44.65 20.37 11.01
N GLN B 115 45.55 19.43 11.37
CA GLN B 115 45.76 18.18 10.60
C GLN B 115 44.48 17.33 10.58
N ILE B 116 43.77 17.24 11.72
CA ILE B 116 42.49 16.53 11.82
C ILE B 116 41.44 17.17 10.91
N SER B 117 41.35 18.52 10.94
CA SER B 117 40.39 19.33 10.18
C SER B 117 40.53 19.10 8.65
N TYR B 118 41.78 19.07 8.16
CA TYR B 118 42.07 18.85 6.75
C TYR B 118 41.63 17.42 6.35
N VAL B 119 42.04 16.39 7.13
CA VAL B 119 41.67 15.00 6.96
C VAL B 119 40.10 14.86 6.89
N CYS B 120 39.39 15.49 7.83
CA CYS B 120 37.92 15.47 7.91
C CYS B 120 37.30 16.13 6.70
N ARG B 121 37.88 17.25 6.19
CA ARG B 121 37.36 17.92 4.99
C ARG B 121 37.50 17.00 3.81
N GLU B 122 38.69 16.40 3.64
CA GLU B 122 38.98 15.47 2.56
C GLU B 122 38.07 14.27 2.56
N VAL B 123 37.88 13.65 3.75
CA VAL B 123 36.98 12.49 3.92
C VAL B 123 35.54 12.89 3.61
N LEU B 124 35.10 14.06 4.09
CA LEU B 124 33.74 14.53 3.80
C LEU B 124 33.53 14.77 2.31
N GLN B 125 34.58 15.21 1.56
CA GLN B 125 34.48 15.42 0.11
C GLN B 125 34.27 14.08 -0.61
N GLY B 126 34.97 13.07 -0.15
CA GLY B 126 34.87 11.71 -0.68
C GLY B 126 33.54 11.09 -0.33
N LEU B 127 33.04 11.35 0.88
CA LEU B 127 31.74 10.84 1.32
C LEU B 127 30.58 11.54 0.60
N ALA B 128 30.72 12.88 0.33
CA ALA B 128 29.70 13.63 -0.42
C ALA B 128 29.54 13.02 -1.83
N TYR B 129 30.67 12.69 -2.48
CA TYR B 129 30.70 12.04 -3.77
C TYR B 129 30.04 10.66 -3.72
N LEU B 130 30.48 9.78 -2.82
CA LEU B 130 29.91 8.44 -2.69
C LEU B 130 28.40 8.47 -2.50
N HIS B 131 27.92 9.31 -1.58
CA HIS B 131 26.50 9.45 -1.25
C HIS B 131 25.68 9.96 -2.46
N SER B 132 26.25 10.88 -3.26
CA SER B 132 25.66 11.39 -4.49
C SER B 132 25.48 10.25 -5.55
N GLN B 133 26.28 9.16 -5.47
CA GLN B 133 26.27 7.96 -6.34
C GLN B 133 25.49 6.83 -5.68
N LYS B 134 24.82 7.12 -4.56
CA LYS B 134 24.04 6.17 -3.75
C LYS B 134 24.91 5.00 -3.22
N LYS B 135 26.19 5.30 -2.93
CA LYS B 135 27.09 4.32 -2.36
C LYS B 135 27.30 4.72 -0.88
N ILE B 136 27.69 3.75 -0.06
CA ILE B 136 27.95 3.92 1.37
C ILE B 136 29.29 3.23 1.58
N HIS B 137 30.21 3.83 2.36
CA HIS B 137 31.51 3.20 2.61
C HIS B 137 31.30 2.12 3.68
N ARG B 138 30.64 2.52 4.78
CA ARG B 138 30.30 1.70 5.96
C ARG B 138 31.53 1.17 6.76
N ASP B 139 32.74 1.63 6.46
CA ASP B 139 33.93 1.22 7.19
C ASP B 139 34.94 2.37 7.35
N ILE B 140 34.45 3.57 7.66
CA ILE B 140 35.30 4.74 7.87
C ILE B 140 36.05 4.56 9.23
N LYS B 141 37.39 4.72 9.19
CA LYS B 141 38.31 4.57 10.32
C LYS B 141 39.70 4.96 9.82
N GLY B 142 40.64 5.19 10.73
CA GLY B 142 42.02 5.56 10.41
C GLY B 142 42.74 4.60 9.47
N ALA B 143 42.52 3.28 9.64
CA ALA B 143 43.19 2.23 8.83
C ALA B 143 42.79 2.26 7.34
N ASN B 144 41.61 2.85 7.02
CA ASN B 144 41.03 2.94 5.67
C ASN B 144 41.14 4.31 5.02
N ILE B 145 41.82 5.22 5.71
CA ILE B 145 42.12 6.56 5.24
C ILE B 145 43.59 6.57 4.88
N LEU B 146 43.90 6.56 3.56
CA LEU B 146 45.27 6.48 3.09
C LEU B 146 45.83 7.81 2.72
N ILE B 147 47.16 7.90 2.84
CA ILE B 147 47.89 9.12 2.57
C ILE B 147 48.93 8.80 1.54
N ASN B 148 48.96 9.57 0.44
CA ASN B 148 50.01 9.33 -0.54
C ASN B 148 51.24 10.21 -0.20
N ASP B 149 52.36 10.09 -0.97
CA ASP B 149 53.59 10.87 -0.75
C ASP B 149 53.42 12.40 -0.77
N ALA B 150 52.40 12.87 -1.51
CA ALA B 150 52.08 14.29 -1.61
C ALA B 150 51.21 14.77 -0.41
N GLY B 151 50.85 13.88 0.52
CA GLY B 151 50.02 14.26 1.66
C GLY B 151 48.53 14.30 1.36
N GLU B 152 48.13 13.75 0.22
CA GLU B 152 46.73 13.74 -0.20
C GLU B 152 45.97 12.60 0.45
N VAL B 153 44.68 12.82 0.71
CA VAL B 153 43.81 11.85 1.39
C VAL B 153 42.91 11.03 0.45
N ARG B 154 42.92 9.70 0.64
CA ARG B 154 42.07 8.79 -0.13
C ARG B 154 41.38 7.72 0.72
N LEU B 155 40.07 7.55 0.54
CA LEU B 155 39.26 6.49 1.17
C LEU B 155 39.50 5.17 0.42
N ALA B 156 39.67 4.09 1.15
CA ALA B 156 39.92 2.75 0.57
C ALA B 156 39.20 1.67 1.37
N ASP B 157 39.28 0.41 0.89
CA ASP B 157 38.63 -0.79 1.43
C ASP B 157 37.11 -0.69 1.39
N PHE B 158 36.58 -1.03 0.21
CA PHE B 158 35.14 -1.08 -0.04
C PHE B 158 34.59 -2.50 0.15
N GLY B 159 35.35 -3.34 0.89
CA GLY B 159 35.06 -4.73 1.26
C GLY B 159 33.77 -4.90 2.04
N ILE B 160 33.54 -4.04 3.07
CA ILE B 160 32.31 -4.06 3.89
C ILE B 160 31.13 -3.63 3.04
N SER B 161 31.30 -2.55 2.27
CA SER B 161 30.29 -1.98 1.37
C SER B 161 29.80 -3.04 0.33
N ALA B 162 30.77 -3.76 -0.26
CA ALA B 162 30.58 -4.86 -1.23
C ALA B 162 29.82 -6.03 -0.59
N GLN B 163 30.24 -6.46 0.64
CA GLN B 163 29.61 -7.54 1.43
C GLN B 163 28.16 -7.17 1.78
N ILE B 164 27.90 -5.89 2.13
CA ILE B 164 26.53 -5.42 2.39
C ILE B 164 25.72 -5.45 1.10
N GLY B 165 26.27 -4.91 0.02
CA GLY B 165 25.66 -4.89 -1.31
C GLY B 165 25.26 -6.28 -1.79
N ALA B 166 26.19 -7.25 -1.71
CA ALA B 166 25.97 -8.64 -2.09
C ALA B 166 24.91 -9.32 -1.18
N GLU B 167 24.99 -9.09 0.15
CA GLU B 167 24.04 -9.63 1.15
C GLU B 167 22.62 -9.10 0.89
N LEU B 168 22.50 -7.77 0.61
CA LEU B 168 21.26 -7.08 0.31
C LEU B 168 20.55 -7.64 -0.93
N ALA B 169 21.33 -7.97 -1.99
CA ALA B 169 20.87 -8.51 -3.28
C ALA B 169 20.01 -9.78 -3.16
N ARG B 170 20.29 -10.64 -2.15
CA ARG B 170 19.55 -11.87 -1.91
C ARG B 170 18.44 -11.68 -0.86
N PHE B 174 12.47 -9.27 4.15
CA PHE B 174 11.41 -9.64 3.20
C PHE B 174 10.73 -11.02 3.42
N ILE B 175 11.49 -12.03 3.91
CA ILE B 175 11.15 -13.46 4.08
C ILE B 175 9.74 -13.83 4.69
N GLY B 176 9.09 -12.94 5.45
CA GLY B 176 7.80 -13.32 6.02
C GLY B 176 6.57 -13.14 5.13
N THR B 177 5.40 -12.97 5.76
CA THR B 177 4.13 -12.67 5.07
C THR B 177 3.75 -11.23 5.45
N PRO B 178 3.68 -10.33 4.43
CA PRO B 178 3.48 -8.90 4.71
C PRO B 178 2.21 -8.49 5.43
N TYR B 179 1.10 -9.23 5.26
CA TYR B 179 -0.17 -8.83 5.86
C TYR B 179 -0.15 -8.81 7.41
N TRP B 180 0.67 -9.65 8.06
CA TRP B 180 0.76 -9.66 9.52
C TRP B 180 2.03 -8.95 10.05
N MET B 181 2.88 -8.51 9.13
CA MET B 181 4.15 -7.84 9.42
C MET B 181 3.96 -6.44 10.02
N ALA B 182 4.70 -6.14 11.11
CA ALA B 182 4.69 -4.86 11.80
C ALA B 182 5.36 -3.79 10.90
N PRO B 183 4.93 -2.50 10.96
CA PRO B 183 5.50 -1.48 10.07
C PRO B 183 7.02 -1.28 10.12
N GLU B 184 7.63 -1.36 11.33
CA GLU B 184 9.09 -1.25 11.54
C GLU B 184 9.84 -2.40 10.86
N VAL B 185 9.18 -3.60 10.78
CA VAL B 185 9.72 -4.79 10.11
C VAL B 185 9.72 -4.53 8.60
N ALA B 186 8.59 -3.97 8.07
CA ALA B 186 8.45 -3.64 6.64
C ALA B 186 9.48 -2.55 6.28
N ALA B 187 9.70 -1.60 7.22
CA ALA B 187 10.66 -0.49 7.09
C ALA B 187 12.09 -1.00 6.87
N VAL B 188 12.58 -1.95 7.71
CA VAL B 188 13.94 -2.51 7.59
C VAL B 188 14.12 -3.36 6.30
N ALA B 189 13.03 -3.91 5.72
CA ALA B 189 13.06 -4.68 4.46
C ALA B 189 13.14 -3.77 3.22
N LEU B 190 12.20 -2.79 3.07
CA LEU B 190 12.18 -1.88 1.92
C LEU B 190 13.30 -0.88 1.99
N LYS B 191 13.29 -0.01 3.01
CA LYS B 191 14.37 0.92 3.32
C LYS B 191 15.33 0.04 4.14
N GLY B 192 16.51 0.53 4.48
CA GLY B 192 17.39 -0.26 5.32
C GLY B 192 17.18 0.06 6.78
N GLY B 193 17.85 -0.68 7.67
CA GLY B 193 17.83 -0.41 9.11
C GLY B 193 18.67 0.82 9.44
N TYR B 194 19.44 1.30 8.43
CA TYR B 194 20.31 2.48 8.45
C TYR B 194 20.62 2.95 7.02
N ASN B 195 21.07 4.20 6.86
CA ASN B 195 21.45 4.80 5.59
C ASN B 195 22.93 5.34 5.60
N GLU B 196 23.31 6.17 4.59
CA GLU B 196 24.64 6.78 4.37
C GLU B 196 25.17 7.65 5.53
N LEU B 197 24.26 8.18 6.37
CA LEU B 197 24.59 8.98 7.54
C LEU B 197 25.34 8.17 8.63
N CYS B 198 25.40 6.84 8.49
CA CYS B 198 26.21 6.01 9.38
C CYS B 198 27.74 6.33 9.21
N ASP B 199 28.15 6.83 8.02
CA ASP B 199 29.52 7.23 7.62
C ASP B 199 29.90 8.50 8.32
N ILE B 200 28.91 9.39 8.53
CA ILE B 200 29.07 10.66 9.24
C ILE B 200 29.44 10.41 10.71
N TRP B 201 28.78 9.44 11.35
CA TRP B 201 29.05 9.03 12.72
C TRP B 201 30.49 8.45 12.77
N SER B 202 30.79 7.45 11.89
CA SER B 202 32.11 6.85 11.73
C SER B 202 33.22 7.91 11.54
N LEU B 203 32.91 9.06 10.91
CA LEU B 203 33.88 10.15 10.77
C LEU B 203 34.13 10.87 12.09
N GLY B 204 33.07 11.06 12.87
CA GLY B 204 33.18 11.62 14.23
C GLY B 204 34.09 10.77 15.11
N ILE B 205 33.95 9.42 15.06
CA ILE B 205 34.79 8.47 15.83
C ILE B 205 36.25 8.53 15.33
N THR B 206 36.44 8.62 14.00
CA THR B 206 37.75 8.71 13.38
C THR B 206 38.48 9.98 13.83
N ALA B 207 37.75 11.13 13.96
CA ALA B 207 38.33 12.37 14.44
C ALA B 207 38.87 12.21 15.89
N ILE B 208 38.11 11.49 16.77
CA ILE B 208 38.53 11.17 18.16
C ILE B 208 39.76 10.24 18.14
N GLU B 209 39.73 9.22 17.27
CA GLU B 209 40.83 8.28 17.05
C GLU B 209 42.12 9.04 16.60
N LEU B 210 41.97 10.10 15.78
CA LEU B 210 43.14 10.86 15.28
C LEU B 210 43.71 11.74 16.40
N ALA B 211 42.84 12.16 17.33
CA ALA B 211 43.14 13.01 18.49
C ALA B 211 43.67 12.21 19.71
N GLU B 212 43.28 10.92 19.85
CA GLU B 212 43.54 10.11 21.04
C GLU B 212 44.23 8.79 20.84
N LEU B 213 44.47 8.38 19.58
CA LEU B 213 45.20 7.15 19.21
C LEU B 213 44.36 5.87 19.32
N GLN B 214 43.07 6.02 19.67
CA GLN B 214 42.14 4.90 19.75
C GLN B 214 40.73 5.39 19.74
N PRO B 215 39.80 4.61 19.16
CA PRO B 215 38.41 5.05 19.19
C PRO B 215 37.88 4.96 20.64
N PRO B 216 36.77 5.66 20.98
CA PRO B 216 36.20 5.50 22.33
C PRO B 216 35.81 4.03 22.60
N LEU B 217 35.93 3.61 23.87
CA LEU B 217 35.62 2.26 24.38
C LEU B 217 36.40 1.15 23.70
N PHE B 218 37.65 1.44 23.26
CA PHE B 218 38.53 0.47 22.59
C PHE B 218 39.02 -0.64 23.53
N ASP B 219 39.06 -0.32 24.84
CA ASP B 219 39.47 -1.20 25.90
C ASP B 219 38.29 -2.07 26.43
N VAL B 220 37.08 -1.92 25.85
CA VAL B 220 35.88 -2.68 26.22
C VAL B 220 35.65 -3.80 25.18
N HIS B 221 35.19 -5.00 25.64
CA HIS B 221 34.91 -6.16 24.80
C HIS B 221 33.96 -5.78 23.64
N PRO B 222 34.26 -6.17 22.38
CA PRO B 222 33.41 -5.73 21.24
C PRO B 222 31.93 -6.10 21.34
N LEU B 223 31.58 -7.32 21.81
CA LEU B 223 30.17 -7.74 21.96
C LEU B 223 29.45 -6.84 22.98
N ARG B 224 30.16 -6.48 24.09
CA ARG B 224 29.62 -5.56 25.11
C ARG B 224 29.34 -4.19 24.49
N VAL B 225 30.31 -3.66 23.68
CA VAL B 225 30.23 -2.39 22.98
C VAL B 225 28.96 -2.36 22.13
N LEU B 226 28.70 -3.43 21.38
CA LEU B 226 27.51 -3.58 20.55
C LEU B 226 26.21 -3.47 21.38
N PHE B 227 26.21 -4.08 22.60
CA PHE B 227 25.08 -4.06 23.51
C PHE B 227 24.81 -2.70 24.14
N LEU B 228 25.87 -1.94 24.54
CA LEU B 228 25.66 -0.60 25.08
C LEU B 228 25.02 0.31 24.03
N MET B 229 25.44 0.15 22.74
CA MET B 229 24.97 0.93 21.58
C MET B 229 23.50 0.78 21.28
N THR B 230 22.99 -0.48 21.26
CA THR B 230 21.57 -0.80 21.01
C THR B 230 20.70 -0.36 22.20
N LYS B 231 21.23 -0.47 23.43
CA LYS B 231 20.53 -0.06 24.66
C LYS B 231 20.24 1.43 24.59
N SER B 232 18.94 1.79 24.59
CA SER B 232 18.46 3.18 24.55
C SER B 232 19.06 3.97 25.73
N GLY B 233 19.25 5.26 25.54
CA GLY B 233 19.89 6.07 26.56
C GLY B 233 21.41 5.97 26.47
N TYR B 234 21.90 5.34 25.37
CA TYR B 234 23.33 5.24 25.04
C TYR B 234 23.73 6.65 24.75
N GLN B 235 24.82 7.11 25.37
CA GLN B 235 25.28 8.47 25.17
C GLN B 235 26.40 8.54 24.11
N PRO B 236 26.29 9.45 23.12
CA PRO B 236 27.38 9.62 22.14
C PRO B 236 28.73 9.94 22.79
N PRO B 237 29.87 9.43 22.26
CA PRO B 237 31.17 9.78 22.88
C PRO B 237 31.60 11.25 22.69
N ARG B 238 32.55 11.71 23.51
CA ARG B 238 33.08 13.09 23.45
C ARG B 238 34.60 13.05 23.43
N LEU B 239 35.24 14.18 23.19
CA LEU B 239 36.72 14.21 23.29
C LEU B 239 37.12 14.15 24.80
N LYS B 240 38.15 13.38 25.13
CA LYS B 240 38.65 13.16 26.50
C LYS B 240 39.30 14.44 27.11
N GLU B 241 40.16 15.14 26.34
CA GLU B 241 40.85 16.35 26.78
C GLU B 241 40.18 17.62 26.25
N LYS B 242 39.14 18.04 26.95
CA LYS B 242 38.32 19.21 26.66
C LYS B 242 39.14 20.49 26.42
N GLY B 243 40.14 20.73 27.26
CA GLY B 243 40.96 21.92 27.15
C GLY B 243 41.94 21.96 26.00
N LYS B 244 42.28 20.79 25.39
CA LYS B 244 43.23 20.69 24.27
C LYS B 244 42.60 21.15 22.95
N TRP B 245 41.27 21.08 22.84
CA TRP B 245 40.53 21.30 21.60
C TRP B 245 39.61 22.52 21.62
N SER B 246 39.47 23.13 20.45
CA SER B 246 38.63 24.32 20.23
C SER B 246 37.13 23.98 20.27
N ALA B 247 36.31 25.02 20.46
CA ALA B 247 34.85 24.96 20.51
C ALA B 247 34.30 24.41 19.18
N ALA B 248 34.95 24.78 18.04
CA ALA B 248 34.57 24.29 16.69
C ALA B 248 34.80 22.77 16.57
N PHE B 249 35.93 22.26 17.11
CA PHE B 249 36.25 20.83 17.07
C PHE B 249 35.29 20.06 17.99
N HIS B 250 35.04 20.59 19.21
CA HIS B 250 34.04 20.01 20.12
C HIS B 250 32.66 19.95 19.48
N ASN B 251 32.26 21.02 18.75
CA ASN B 251 30.95 21.07 18.10
C ASN B 251 30.86 20.08 16.92
N PHE B 252 31.94 19.96 16.09
CA PHE B 252 32.02 19.01 14.98
C PHE B 252 31.80 17.58 15.50
N ILE B 253 32.40 17.23 16.66
CA ILE B 253 32.22 15.93 17.31
C ILE B 253 30.74 15.76 17.77
N LYS B 254 30.11 16.83 18.29
CA LYS B 254 28.74 16.79 18.79
C LYS B 254 27.72 16.56 17.66
N VAL B 255 27.91 17.27 16.53
CA VAL B 255 27.01 17.16 15.39
C VAL B 255 27.20 15.86 14.59
N THR B 256 28.47 15.39 14.36
CA THR B 256 28.68 14.12 13.61
C THR B 256 28.21 12.95 14.41
N LEU B 257 28.35 13.04 15.75
CA LEU B 257 27.93 11.98 16.66
C LEU B 257 26.50 12.21 17.22
N THR B 258 25.57 12.73 16.40
CA THR B 258 24.16 12.83 16.78
C THR B 258 23.62 11.38 16.81
N LYS B 259 22.96 11.00 17.92
CA LYS B 259 22.43 9.65 18.06
C LYS B 259 21.34 9.39 17.03
N SER B 260 20.44 10.37 16.82
CA SER B 260 19.34 10.22 15.87
C SER B 260 19.75 10.33 14.40
N PRO B 261 19.53 9.26 13.59
CA PRO B 261 19.90 9.34 12.15
C PRO B 261 19.16 10.42 11.38
N LYS B 262 17.94 10.80 11.84
CA LYS B 262 17.12 11.85 11.25
C LYS B 262 17.70 13.22 11.50
N LYS B 263 18.38 13.41 12.65
CA LYS B 263 18.94 14.71 13.02
C LYS B 263 20.41 14.90 12.63
N ARG B 264 21.12 13.80 12.31
CA ARG B 264 22.54 13.82 11.93
C ARG B 264 22.79 14.57 10.60
N PRO B 265 23.69 15.58 10.56
CA PRO B 265 23.94 16.28 9.29
C PRO B 265 24.56 15.41 8.21
N SER B 266 24.31 15.78 6.95
CA SER B 266 24.81 15.06 5.78
C SER B 266 26.26 15.48 5.50
N ALA B 267 26.91 14.81 4.53
CA ALA B 267 28.27 15.13 4.15
C ALA B 267 28.39 16.52 3.54
N THR B 268 27.46 16.92 2.64
CA THR B 268 27.56 18.28 2.07
C THR B 268 27.24 19.35 3.12
N LYS B 269 26.36 19.03 4.10
CA LYS B 269 26.02 19.96 5.18
C LYS B 269 27.24 20.17 6.08
N MET B 270 27.93 19.06 6.42
CA MET B 270 29.16 19.07 7.22
C MET B 270 30.32 19.83 6.55
N LEU B 271 30.32 19.94 5.19
CA LEU B 271 31.38 20.66 4.46
C LEU B 271 31.32 22.17 4.67
N SER B 272 30.19 22.68 5.21
CA SER B 272 30.05 24.10 5.56
C SER B 272 30.37 24.40 7.06
N HIS B 273 30.65 23.34 7.87
CA HIS B 273 31.02 23.47 9.29
C HIS B 273 32.33 24.25 9.39
N GLN B 274 32.43 25.17 10.36
CA GLN B 274 33.60 26.03 10.64
C GLN B 274 34.93 25.22 10.74
N LEU B 275 34.90 24.00 11.32
CA LEU B 275 36.10 23.18 11.44
C LEU B 275 36.75 22.86 10.08
N VAL B 276 35.95 22.47 9.09
CA VAL B 276 36.39 22.03 7.77
C VAL B 276 36.32 23.14 6.71
N SER B 277 35.77 24.31 7.08
CA SER B 277 35.65 25.50 6.22
C SER B 277 36.79 26.50 6.36
N GLN B 278 37.50 26.43 7.48
CA GLN B 278 38.54 27.37 7.84
C GLN B 278 39.69 27.45 6.80
N PRO B 279 40.32 28.64 6.64
CA PRO B 279 41.42 28.77 5.68
C PRO B 279 42.69 28.15 6.22
N GLY B 280 43.60 27.81 5.32
CA GLY B 280 44.87 27.20 5.70
C GLY B 280 44.80 25.70 5.84
N LEU B 281 43.75 25.05 5.26
CA LEU B 281 43.66 23.59 5.31
C LEU B 281 44.20 23.03 4.01
N ASN B 282 45.39 22.45 4.06
CA ASN B 282 46.04 21.89 2.88
C ASN B 282 46.95 20.72 3.21
N ARG B 283 47.37 19.98 2.17
CA ARG B 283 48.24 18.81 2.25
C ARG B 283 49.56 19.07 2.99
N GLY B 284 49.96 20.33 3.10
CA GLY B 284 51.20 20.75 3.78
C GLY B 284 51.19 20.42 5.25
N LEU B 285 49.97 20.45 5.86
CA LEU B 285 49.72 20.07 7.25
C LEU B 285 50.06 18.60 7.44
N ILE B 286 49.81 17.75 6.41
CA ILE B 286 50.09 16.31 6.47
C ILE B 286 51.57 16.04 6.12
N LEU B 287 52.12 16.83 5.18
CA LEU B 287 53.54 16.78 4.89
C LEU B 287 54.36 17.14 6.18
N ASP B 288 53.87 18.10 7.04
CA ASP B 288 54.50 18.45 8.35
C ASP B 288 54.48 17.24 9.27
N LEU B 289 53.40 16.46 9.22
CA LEU B 289 53.20 15.23 10.00
C LEU B 289 54.14 14.15 9.52
N LEU B 290 54.28 13.97 8.19
CA LEU B 290 55.15 12.95 7.62
C LEU B 290 56.64 13.25 7.91
N ASP B 291 57.01 14.55 8.03
CA ASP B 291 58.40 14.95 8.38
C ASP B 291 58.75 14.49 9.80
N LYS B 292 57.75 14.49 10.70
CA LYS B 292 57.81 14.06 12.10
C LYS B 292 57.97 12.54 12.16
N LEU B 293 57.35 11.82 11.20
CA LEU B 293 57.43 10.36 11.04
C LEU B 293 58.84 9.97 10.60
N LYS B 294 59.43 10.74 9.66
CA LYS B 294 60.76 10.55 9.06
C LYS B 294 61.94 10.63 10.04
N ASN B 295 61.76 11.30 11.20
CA ASN B 295 62.79 11.43 12.24
C ASN B 295 62.25 10.98 13.60
N ASP C 4 11.29 20.04 -4.94
CA ASP C 4 12.73 20.21 -5.13
C ASP C 4 13.52 18.91 -4.90
N VAL C 5 13.32 18.29 -3.70
CA VAL C 5 13.98 17.05 -3.26
C VAL C 5 12.96 16.16 -2.49
N VAL C 6 12.50 15.10 -3.17
CA VAL C 6 11.54 14.11 -2.62
C VAL C 6 11.94 12.73 -3.17
N ASP C 7 11.68 11.63 -2.42
CA ASP C 7 11.96 10.27 -2.88
C ASP C 7 11.09 9.96 -4.12
N PRO C 8 11.71 9.63 -5.28
CA PRO C 8 10.91 9.45 -6.50
C PRO C 8 10.10 8.15 -6.58
N ASP C 9 10.38 7.17 -5.70
CA ASP C 9 9.75 5.83 -5.68
C ASP C 9 9.96 5.13 -7.03
N ILE C 10 11.24 4.99 -7.42
CA ILE C 10 11.65 4.34 -8.66
C ILE C 10 12.13 2.92 -8.34
N PHE C 11 11.26 1.96 -8.63
CA PHE C 11 11.46 0.54 -8.37
C PHE C 11 12.21 -0.10 -9.53
N ASN C 12 13.39 -0.68 -9.24
CA ASN C 12 14.24 -1.32 -10.24
C ASN C 12 13.77 -2.75 -10.59
N ARG C 13 12.44 -3.00 -10.55
CA ARG C 13 11.85 -4.29 -10.90
C ARG C 13 10.91 -4.21 -12.11
N ASP C 14 10.64 -5.37 -12.74
CA ASP C 14 9.81 -5.55 -13.93
C ASP C 14 8.37 -5.16 -13.63
N PRO C 15 7.76 -4.21 -14.40
CA PRO C 15 6.36 -3.85 -14.13
C PRO C 15 5.42 -5.02 -14.41
N ARG C 16 5.87 -6.00 -15.26
CA ARG C 16 5.13 -7.20 -15.61
C ARG C 16 4.91 -8.13 -14.40
N ASP C 17 5.69 -7.93 -13.31
CA ASP C 17 5.59 -8.65 -12.03
C ASP C 17 4.37 -8.22 -11.21
N HIS C 18 3.82 -7.02 -11.51
CA HIS C 18 2.67 -6.46 -10.79
C HIS C 18 1.50 -6.19 -11.69
N TYR C 19 1.76 -5.97 -12.99
CA TYR C 19 0.74 -5.53 -13.94
C TYR C 19 0.62 -6.28 -15.23
N ASP C 20 -0.62 -6.52 -15.65
CA ASP C 20 -0.93 -7.12 -16.94
C ASP C 20 -1.14 -5.94 -17.90
N LEU C 21 -0.29 -5.83 -18.93
CA LEU C 21 -0.37 -4.78 -19.94
C LEU C 21 -1.64 -4.94 -20.75
N LEU C 22 -2.36 -3.84 -20.97
CA LEU C 22 -3.60 -3.80 -21.74
C LEU C 22 -3.38 -2.83 -22.92
N GLN C 23 -4.46 -2.29 -23.55
CA GLN C 23 -4.37 -1.41 -24.73
C GLN C 23 -3.55 -0.12 -24.54
N ARG C 24 -3.05 0.41 -25.66
CA ARG C 24 -2.33 1.66 -25.76
C ARG C 24 -3.41 2.74 -25.66
N LEU C 25 -3.25 3.67 -24.71
CA LEU C 25 -4.22 4.74 -24.47
C LEU C 25 -3.93 5.99 -25.28
N GLY C 26 -2.67 6.20 -25.63
CA GLY C 26 -2.28 7.35 -26.44
C GLY C 26 -0.81 7.66 -26.37
N GLY C 27 -0.47 8.81 -26.95
CA GLY C 27 0.90 9.31 -26.99
C GLY C 27 1.24 10.21 -25.84
N GLY C 28 1.13 11.52 -26.06
CA GLY C 28 1.48 12.54 -25.07
C GLY C 28 2.68 13.33 -25.53
N THR C 29 3.14 14.32 -24.71
CA THR C 29 4.28 15.21 -25.01
C THR C 29 5.54 14.39 -25.40
N TYR C 30 5.83 13.36 -24.61
CA TYR C 30 6.88 12.37 -24.83
C TYR C 30 6.42 11.04 -24.21
N GLY C 31 6.88 9.94 -24.77
CA GLY C 31 6.49 8.60 -24.30
C GLY C 31 5.09 8.22 -24.71
N GLU C 32 4.60 7.07 -24.20
CA GLU C 32 3.28 6.57 -24.54
C GLU C 32 2.59 5.97 -23.33
N VAL C 33 1.26 6.10 -23.29
CA VAL C 33 0.48 5.63 -22.14
C VAL C 33 -0.27 4.34 -22.48
N PHE C 34 -0.21 3.36 -21.57
CA PHE C 34 -0.89 2.07 -21.67
C PHE C 34 -1.81 1.87 -20.52
N LYS C 35 -2.92 1.17 -20.75
CA LYS C 35 -3.82 0.78 -19.69
C LYS C 35 -3.18 -0.53 -19.12
N ALA C 36 -3.30 -0.76 -17.81
CA ALA C 36 -2.77 -1.97 -17.17
C ALA C 36 -3.65 -2.40 -15.99
N ARG C 37 -3.64 -3.72 -15.68
CA ARG C 37 -4.43 -4.29 -14.59
C ARG C 37 -3.49 -4.84 -13.54
N ASP C 38 -3.81 -4.57 -12.27
CA ASP C 38 -3.02 -5.07 -11.16
C ASP C 38 -3.37 -6.57 -11.01
N LYS C 39 -2.32 -7.41 -11.05
CA LYS C 39 -2.38 -8.88 -11.02
C LYS C 39 -3.05 -9.50 -9.80
N VAL C 40 -2.99 -8.84 -8.62
CA VAL C 40 -3.64 -9.40 -7.43
C VAL C 40 -4.89 -8.59 -7.01
N SER C 41 -4.86 -7.24 -7.15
CA SER C 41 -5.99 -6.41 -6.71
C SER C 41 -7.08 -6.19 -7.76
N GLY C 42 -6.75 -6.37 -9.04
CA GLY C 42 -7.69 -6.10 -10.13
C GLY C 42 -7.80 -4.63 -10.50
N ASP C 43 -7.18 -3.72 -9.70
CA ASP C 43 -7.17 -2.25 -9.93
C ASP C 43 -6.60 -1.89 -11.27
N LEU C 44 -7.22 -0.90 -11.92
CA LEU C 44 -6.73 -0.42 -13.20
C LEU C 44 -5.87 0.80 -12.98
N VAL C 45 -4.71 0.82 -13.64
CA VAL C 45 -3.74 1.93 -13.61
C VAL C 45 -3.40 2.32 -15.07
N ALA C 46 -2.74 3.47 -15.25
CA ALA C 46 -2.21 3.95 -16.52
C ALA C 46 -0.68 3.90 -16.38
N LEU C 47 0.00 3.38 -17.38
CA LEU C 47 1.47 3.31 -17.33
C LEU C 47 2.08 4.12 -18.47
N LYS C 48 2.79 5.21 -18.13
CA LYS C 48 3.48 6.06 -19.11
C LYS C 48 4.87 5.51 -19.28
N MET C 49 5.15 4.95 -20.46
CA MET C 49 6.42 4.34 -20.77
C MET C 49 7.27 5.29 -21.60
N VAL C 50 8.49 5.57 -21.13
CA VAL C 50 9.46 6.44 -21.77
C VAL C 50 10.77 5.64 -21.96
N LYS C 51 11.30 5.62 -23.19
CA LYS C 51 12.54 4.93 -23.57
C LYS C 51 13.73 5.66 -22.92
N MET C 52 14.62 4.89 -22.27
CA MET C 52 15.79 5.43 -21.56
C MET C 52 17.10 5.26 -22.36
N VAL C 58 17.68 12.99 -19.54
CA VAL C 58 17.32 12.34 -18.27
C VAL C 58 16.66 13.32 -17.25
N SER C 59 17.16 14.58 -17.19
CA SER C 59 16.71 15.63 -16.28
C SER C 59 15.23 16.04 -16.41
N THR C 60 14.63 15.95 -17.64
CA THR C 60 13.22 16.27 -17.90
CA THR C 60 13.22 16.29 -17.88
C THR C 60 12.32 15.31 -17.12
N LEU C 61 12.57 13.99 -17.28
CA LEU C 61 11.86 12.89 -16.62
C LEU C 61 11.96 12.97 -15.11
N GLN C 62 13.12 13.41 -14.58
CA GLN C 62 13.37 13.62 -13.12
C GLN C 62 12.36 14.64 -12.62
N LYS C 63 12.25 15.77 -13.35
CA LYS C 63 11.38 16.89 -13.09
C LYS C 63 9.90 16.50 -13.23
N GLU C 64 9.55 15.69 -14.26
CA GLU C 64 8.18 15.25 -14.49
C GLU C 64 7.66 14.43 -13.31
N ILE C 65 8.47 13.46 -12.80
CA ILE C 65 8.04 12.65 -11.66
C ILE C 65 8.11 13.49 -10.36
N LEU C 66 9.06 14.45 -10.27
CA LEU C 66 9.17 15.36 -9.11
C LEU C 66 7.90 16.22 -8.95
N ILE C 67 7.33 16.71 -10.08
CA ILE C 67 6.10 17.51 -10.12
C ILE C 67 4.90 16.63 -9.69
N LEU C 68 4.83 15.42 -10.23
CA LEU C 68 3.78 14.43 -9.95
C LEU C 68 3.76 13.98 -8.49
N LYS C 69 4.94 13.63 -7.94
CA LYS C 69 5.05 13.13 -6.57
C LYS C 69 4.78 14.23 -5.52
N THR C 70 5.09 15.50 -5.83
CA THR C 70 4.85 16.56 -4.87
C THR C 70 3.42 17.13 -4.99
N CYS C 71 2.61 16.49 -5.83
CA CYS C 71 1.20 16.84 -5.97
C CYS C 71 0.40 15.85 -5.15
N ARG C 72 -0.51 16.37 -4.30
CA ARG C 72 -1.44 15.61 -3.50
C ARG C 72 -2.76 16.37 -3.45
N HIS C 73 -3.43 16.46 -4.60
CA HIS C 73 -4.69 17.18 -4.78
C HIS C 73 -5.62 16.34 -5.64
N ALA C 74 -6.94 16.44 -5.38
CA ALA C 74 -7.97 15.67 -6.06
C ALA C 74 -8.20 16.01 -7.54
N ASN C 75 -7.64 17.12 -8.02
CA ASN C 75 -7.81 17.55 -9.40
C ASN C 75 -6.55 17.36 -10.23
N ILE C 76 -5.60 16.58 -9.70
CA ILE C 76 -4.36 16.25 -10.36
C ILE C 76 -4.19 14.73 -10.31
N VAL C 77 -3.82 14.07 -11.47
CA VAL C 77 -3.67 12.62 -11.53
C VAL C 77 -2.76 12.14 -10.41
N ALA C 78 -3.17 11.08 -9.70
CA ALA C 78 -2.37 10.48 -8.64
C ALA C 78 -1.18 9.73 -9.23
N TYR C 79 -0.05 9.71 -8.51
CA TYR C 79 1.18 9.04 -8.90
C TYR C 79 1.41 7.87 -7.97
N HIS C 80 1.59 6.68 -8.53
CA HIS C 80 1.77 5.49 -7.70
C HIS C 80 3.21 4.91 -7.67
N GLY C 81 4.14 5.54 -8.37
CA GLY C 81 5.52 5.08 -8.45
C GLY C 81 5.92 4.80 -9.88
N SER C 82 7.22 4.58 -10.11
CA SER C 82 7.78 4.30 -11.43
C SER C 82 8.60 3.00 -11.40
N TYR C 83 8.60 2.27 -12.51
CA TYR C 83 9.29 1.00 -12.67
C TYR C 83 10.38 1.13 -13.74
N LEU C 84 11.68 0.95 -13.34
CA LEU C 84 12.83 1.00 -14.25
C LEU C 84 13.29 -0.42 -14.58
N TRP C 85 13.07 -0.84 -15.84
CA TRP C 85 13.38 -2.19 -16.30
C TRP C 85 13.62 -2.24 -17.83
N LEU C 86 14.75 -2.88 -18.23
CA LEU C 86 15.20 -3.06 -19.63
C LEU C 86 15.26 -1.74 -20.44
N GLN C 87 15.89 -0.70 -19.84
CA GLN C 87 16.09 0.64 -20.42
C GLN C 87 14.77 1.37 -20.82
N LYS C 88 13.70 1.12 -20.03
CA LYS C 88 12.36 1.70 -20.15
C LYS C 88 11.86 2.12 -18.76
N LEU C 89 11.32 3.36 -18.64
CA LEU C 89 10.76 3.86 -17.39
C LEU C 89 9.24 3.84 -17.49
N TRP C 90 8.56 3.12 -16.58
CA TRP C 90 7.08 3.02 -16.56
C TRP C 90 6.50 3.81 -15.39
N ILE C 91 6.09 5.06 -15.64
CA ILE C 91 5.47 5.95 -14.66
C ILE C 91 4.02 5.48 -14.44
N CYS C 92 3.71 5.02 -13.22
CA CYS C 92 2.40 4.47 -12.88
C CYS C 92 1.49 5.54 -12.31
N MET C 93 0.33 5.70 -12.96
CA MET C 93 -0.62 6.74 -12.58
C MET C 93 -2.02 6.22 -12.52
N GLU C 94 -2.92 7.10 -12.07
CA GLU C 94 -4.34 6.86 -11.97
C GLU C 94 -4.93 6.65 -13.38
N PHE C 95 -5.72 5.56 -13.55
CA PHE C 95 -6.43 5.28 -14.78
C PHE C 95 -7.73 6.07 -14.70
N CYS C 96 -8.05 6.80 -15.80
CA CYS C 96 -9.26 7.61 -15.88
C CYS C 96 -10.17 7.08 -16.98
N GLY C 97 -11.13 6.28 -16.55
CA GLY C 97 -12.08 5.51 -17.34
C GLY C 97 -12.79 6.17 -18.49
N ALA C 98 -13.13 7.47 -18.37
CA ALA C 98 -13.84 8.15 -19.47
C ALA C 98 -12.85 8.80 -20.48
N GLY C 99 -11.56 8.73 -20.17
CA GLY C 99 -10.51 9.31 -20.98
C GLY C 99 -10.43 10.81 -20.82
N SER C 100 -9.95 11.47 -21.85
CA SER C 100 -9.79 12.92 -21.85
C SER C 100 -11.07 13.60 -22.23
N LEU C 101 -11.14 14.93 -22.09
CA LEU C 101 -12.28 15.70 -22.50
C LEU C 101 -12.41 15.66 -24.03
N GLN C 102 -11.27 15.64 -24.72
CA GLN C 102 -11.21 15.54 -26.18
C GLN C 102 -11.86 14.24 -26.65
N ASP C 103 -11.49 13.09 -26.03
CA ASP C 103 -12.07 11.76 -26.28
C ASP C 103 -13.58 11.76 -26.08
N ILE C 104 -14.06 12.56 -25.09
CA ILE C 104 -15.45 12.66 -24.70
C ILE C 104 -16.25 13.51 -25.66
N TYR C 105 -15.81 14.76 -25.97
CA TYR C 105 -16.58 15.55 -26.93
C TYR C 105 -16.51 14.97 -28.37
N GLN C 106 -15.50 14.16 -28.72
CA GLN C 106 -15.42 13.51 -30.02
C GLN C 106 -16.55 12.46 -30.14
N VAL C 107 -16.89 11.80 -29.02
CA VAL C 107 -17.99 10.82 -28.96
C VAL C 107 -19.33 11.49 -28.73
N THR C 108 -19.38 12.45 -27.84
CA THR C 108 -20.64 13.05 -27.36
C THR C 108 -21.07 14.35 -28.05
N GLY C 109 -20.18 14.99 -28.79
CA GLY C 109 -20.48 16.29 -29.38
C GLY C 109 -20.21 17.39 -28.36
N SER C 110 -20.60 18.65 -28.64
CA SER C 110 -20.38 19.79 -27.73
C SER C 110 -20.90 19.54 -26.30
N LEU C 111 -20.21 20.10 -25.31
CA LEU C 111 -20.63 19.97 -23.93
C LEU C 111 -21.65 21.06 -23.58
N SER C 112 -22.49 20.81 -22.58
CA SER C 112 -23.45 21.86 -22.17
C SER C 112 -22.71 22.91 -21.36
N GLU C 113 -23.32 24.10 -21.21
CA GLU C 113 -22.73 25.19 -20.43
C GLU C 113 -22.47 24.76 -18.98
N LEU C 114 -23.40 24.01 -18.36
CA LEU C 114 -23.28 23.54 -16.98
C LEU C 114 -22.14 22.54 -16.84
N GLN C 115 -21.97 21.70 -17.88
CA GLN C 115 -20.90 20.70 -17.96
C GLN C 115 -19.54 21.39 -18.08
N ILE C 116 -19.43 22.40 -18.96
CA ILE C 116 -18.20 23.21 -19.10
C ILE C 116 -17.88 23.94 -17.79
N SER C 117 -18.92 24.50 -17.11
CA SER C 117 -18.77 25.22 -15.83
C SER C 117 -18.18 24.31 -14.76
N TYR C 118 -18.71 23.07 -14.60
CA TYR C 118 -18.18 22.07 -13.64
C TYR C 118 -16.69 21.80 -13.93
N VAL C 119 -16.36 21.45 -15.20
CA VAL C 119 -15.00 21.22 -15.72
C VAL C 119 -14.09 22.42 -15.41
N CYS C 120 -14.53 23.62 -15.78
CA CYS C 120 -13.77 24.86 -15.53
C CYS C 120 -13.45 25.08 -14.06
N ARG C 121 -14.43 24.81 -13.15
CA ARG C 121 -14.22 24.96 -11.70
C ARG C 121 -13.17 23.98 -11.22
N GLU C 122 -13.32 22.69 -11.58
CA GLU C 122 -12.36 21.64 -11.22
C GLU C 122 -10.96 21.89 -11.75
N VAL C 123 -10.84 22.40 -12.99
CA VAL C 123 -9.53 22.75 -13.57
C VAL C 123 -8.92 23.89 -12.74
N LEU C 124 -9.70 24.97 -12.49
CA LEU C 124 -9.28 26.13 -11.67
C LEU C 124 -8.77 25.72 -10.31
N GLN C 125 -9.43 24.75 -9.66
CA GLN C 125 -9.03 24.15 -8.38
C GLN C 125 -7.63 23.48 -8.47
N GLY C 126 -7.40 22.67 -9.52
CA GLY C 126 -6.10 22.05 -9.77
C GLY C 126 -5.02 23.08 -10.07
N LEU C 127 -5.35 24.14 -10.87
CA LEU C 127 -4.43 25.24 -11.22
C LEU C 127 -4.05 26.07 -9.98
N ALA C 128 -5.04 26.34 -9.11
CA ALA C 128 -4.87 27.03 -7.82
C ALA C 128 -3.85 26.26 -6.99
N TYR C 129 -4.02 24.92 -6.86
CA TYR C 129 -3.06 24.08 -6.15
C TYR C 129 -1.65 24.10 -6.79
N LEU C 130 -1.57 24.01 -8.14
CA LEU C 130 -0.27 24.00 -8.82
C LEU C 130 0.48 25.29 -8.63
N HIS C 131 -0.23 26.41 -8.76
CA HIS C 131 0.35 27.75 -8.64
C HIS C 131 0.84 28.06 -7.20
N SER C 132 0.14 27.51 -6.19
CA SER C 132 0.43 27.58 -4.75
C SER C 132 1.74 26.88 -4.35
N GLN C 133 2.38 26.17 -5.29
CA GLN C 133 3.69 25.54 -5.03
C GLN C 133 4.65 25.92 -6.12
N LYS C 134 4.31 27.02 -6.82
CA LYS C 134 5.08 27.68 -7.86
C LYS C 134 5.31 26.79 -9.04
N LYS C 135 4.30 25.98 -9.38
CA LYS C 135 4.35 25.13 -10.55
C LYS C 135 3.45 25.74 -11.61
N ILE C 136 3.76 25.48 -12.88
CA ILE C 136 2.97 25.96 -14.02
C ILE C 136 2.67 24.72 -14.86
N HIS C 137 1.43 24.51 -15.29
CA HIS C 137 1.06 23.37 -16.14
C HIS C 137 1.57 23.62 -17.56
N ARG C 138 1.25 24.79 -18.11
CA ARG C 138 1.69 25.25 -19.44
C ARG C 138 1.14 24.42 -20.61
N ASP C 139 0.27 23.41 -20.34
CA ASP C 139 -0.32 22.63 -21.43
C ASP C 139 -1.78 22.27 -21.16
N ILE C 140 -2.54 23.28 -20.70
CA ILE C 140 -3.96 23.09 -20.46
C ILE C 140 -4.67 23.00 -21.81
N LYS C 141 -5.46 21.92 -21.99
CA LYS C 141 -6.24 21.64 -23.19
C LYS C 141 -7.12 20.39 -22.91
N GLY C 142 -8.17 20.22 -23.70
CA GLY C 142 -9.09 19.09 -23.56
C GLY C 142 -8.39 17.75 -23.45
N ALA C 143 -7.35 17.52 -24.28
CA ALA C 143 -6.55 16.29 -24.29
C ALA C 143 -5.85 15.98 -22.95
N ASN C 144 -5.54 17.00 -22.15
CA ASN C 144 -4.83 16.87 -20.86
C ASN C 144 -5.72 16.94 -19.60
N ILE C 145 -7.01 16.99 -19.79
CA ILE C 145 -7.97 17.01 -18.70
C ILE C 145 -8.75 15.72 -18.84
N LEU C 146 -8.49 14.81 -17.89
CA LEU C 146 -9.05 13.47 -17.83
C LEU C 146 -10.25 13.42 -16.93
N ILE C 147 -11.14 12.47 -17.23
CA ILE C 147 -12.33 12.19 -16.44
C ILE C 147 -12.34 10.70 -16.07
N ASN C 148 -12.49 10.38 -14.78
CA ASN C 148 -12.55 8.98 -14.37
C ASN C 148 -14.02 8.51 -14.39
N ASP C 149 -14.26 7.21 -14.13
CA ASP C 149 -15.63 6.63 -14.15
C ASP C 149 -16.53 7.19 -13.05
N ALA C 150 -15.94 7.76 -11.99
CA ALA C 150 -16.64 8.42 -10.90
C ALA C 150 -17.05 9.89 -11.25
N GLY C 151 -16.77 10.32 -12.49
CA GLY C 151 -17.05 11.66 -12.98
C GLY C 151 -16.12 12.73 -12.43
N GLU C 152 -14.94 12.33 -11.92
CA GLU C 152 -13.94 13.24 -11.35
C GLU C 152 -12.96 13.76 -12.40
N VAL C 153 -12.64 15.07 -12.28
CA VAL C 153 -11.78 15.80 -13.20
C VAL C 153 -10.32 15.85 -12.69
N ARG C 154 -9.36 15.42 -13.56
CA ARG C 154 -7.93 15.38 -13.22
C ARG C 154 -7.06 15.97 -14.32
N LEU C 155 -6.11 16.83 -13.94
CA LEU C 155 -5.13 17.38 -14.87
C LEU C 155 -4.03 16.38 -15.00
N ALA C 156 -3.54 16.19 -16.21
CA ALA C 156 -2.45 15.27 -16.48
C ALA C 156 -1.49 15.89 -17.51
N ASP C 157 -0.44 15.12 -17.85
CA ASP C 157 0.64 15.44 -18.75
C ASP C 157 1.42 16.63 -18.29
N PHE C 158 2.37 16.37 -17.42
CA PHE C 158 3.28 17.40 -16.93
C PHE C 158 4.57 17.46 -17.73
N GLY C 159 4.53 16.99 -19.01
CA GLY C 159 5.65 16.92 -19.96
C GLY C 159 6.21 18.28 -20.35
N ILE C 160 5.33 19.22 -20.80
CA ILE C 160 5.72 20.60 -21.11
C ILE C 160 6.26 21.27 -19.83
N SER C 161 5.55 21.12 -18.70
CA SER C 161 5.93 21.65 -17.38
C SER C 161 7.36 21.23 -17.00
N ALA C 162 7.69 19.92 -17.15
CA ALA C 162 9.00 19.37 -16.82
C ALA C 162 10.06 19.90 -17.80
N GLN C 163 9.78 19.90 -19.14
CA GLN C 163 10.63 20.41 -20.23
C GLN C 163 11.08 21.84 -19.94
N ILE C 164 10.15 22.69 -19.45
CA ILE C 164 10.39 24.08 -19.06
C ILE C 164 11.27 24.16 -17.80
N GLY C 165 10.86 23.47 -16.71
CA GLY C 165 11.60 23.43 -15.46
C GLY C 165 13.04 22.98 -15.60
N ALA C 166 13.29 21.96 -16.45
CA ALA C 166 14.60 21.36 -16.75
C ALA C 166 15.52 22.26 -17.58
N GLU C 167 14.96 22.97 -18.59
CA GLU C 167 15.73 23.85 -19.46
C GLU C 167 16.08 25.16 -18.75
N LEU C 168 15.20 25.62 -17.83
CA LEU C 168 15.37 26.81 -17.00
C LEU C 168 16.57 26.63 -16.06
N ALA C 169 16.69 25.43 -15.44
CA ALA C 169 17.79 25.05 -14.55
C ALA C 169 19.11 24.80 -15.30
N ARG C 170 19.01 24.51 -16.62
CA ARG C 170 20.14 24.26 -17.52
C ARG C 170 20.73 25.60 -18.01
N ARG C 171 19.88 26.66 -18.10
CA ARG C 171 20.26 28.00 -18.53
C ARG C 171 20.65 28.93 -17.36
N LEU C 172 20.01 28.75 -16.18
CA LEU C 172 20.29 29.50 -14.94
C LEU C 172 21.73 29.21 -14.49
N GLU C 173 22.31 28.12 -15.01
CA GLU C 173 23.68 27.65 -14.80
C GLU C 173 24.65 28.62 -15.53
N PHE C 174 24.44 28.83 -16.86
CA PHE C 174 25.24 29.72 -17.72
C PHE C 174 24.75 31.19 -17.68
N ILE C 175 24.39 31.67 -16.48
CA ILE C 175 23.93 33.03 -16.21
C ILE C 175 25.10 34.05 -16.32
N GLY C 176 26.26 33.72 -15.75
CA GLY C 176 27.46 34.56 -15.79
C GLY C 176 27.37 35.80 -14.93
N THR C 177 28.34 36.74 -15.04
CA THR C 177 28.29 37.98 -14.26
C THR C 177 27.24 38.94 -14.78
N PRO C 178 26.53 39.64 -13.88
CA PRO C 178 25.47 40.55 -14.32
C PRO C 178 25.80 42.04 -14.33
N TYR C 179 27.06 42.46 -14.06
CA TYR C 179 27.42 43.88 -13.89
C TYR C 179 27.11 44.74 -15.09
N TRP C 180 27.23 44.19 -16.31
CA TRP C 180 26.97 44.87 -17.58
C TRP C 180 25.56 44.58 -18.14
N MET C 181 24.79 43.70 -17.47
CA MET C 181 23.45 43.31 -17.93
C MET C 181 22.41 44.40 -17.71
N ALA C 182 21.51 44.58 -18.70
CA ALA C 182 20.36 45.49 -18.59
C ALA C 182 19.40 44.87 -17.51
N PRO C 183 18.67 45.68 -16.70
CA PRO C 183 17.77 45.08 -15.69
C PRO C 183 16.77 44.09 -16.25
N GLU C 184 16.27 44.31 -17.50
CA GLU C 184 15.29 43.41 -18.16
C GLU C 184 15.91 42.07 -18.55
N VAL C 185 17.25 42.02 -18.78
CA VAL C 185 17.94 40.76 -19.08
C VAL C 185 18.03 40.01 -17.75
N ALA C 186 18.47 40.70 -16.68
CA ALA C 186 18.55 40.12 -15.34
C ALA C 186 17.16 39.59 -14.90
N ALA C 187 16.05 40.34 -15.19
CA ALA C 187 14.67 39.96 -14.84
C ALA C 187 14.19 38.72 -15.57
N VAL C 188 14.48 38.59 -16.89
CA VAL C 188 14.07 37.39 -17.63
C VAL C 188 14.90 36.14 -17.21
N ALA C 189 16.13 36.34 -16.72
CA ALA C 189 16.99 35.24 -16.26
C ALA C 189 16.52 34.76 -14.89
N LEU C 190 16.00 35.68 -14.08
CA LEU C 190 15.55 35.38 -12.73
C LEU C 190 14.08 35.02 -12.58
N LYS C 191 13.19 35.63 -13.38
CA LYS C 191 11.74 35.41 -13.29
C LYS C 191 11.14 34.59 -14.44
N GLY C 192 11.77 34.60 -15.61
CA GLY C 192 11.31 33.78 -16.72
C GLY C 192 10.94 34.39 -18.06
N GLY C 193 10.01 35.33 -18.09
CA GLY C 193 9.52 35.90 -19.34
C GLY C 193 8.00 35.99 -19.35
N TYR C 194 7.37 35.00 -18.73
CA TYR C 194 5.93 34.91 -18.51
C TYR C 194 5.75 34.13 -17.20
N ASN C 195 4.54 34.12 -16.65
CA ASN C 195 4.25 33.45 -15.40
C ASN C 195 3.10 32.42 -15.50
N GLU C 196 2.60 31.96 -14.32
CA GLU C 196 1.53 30.98 -14.14
C GLU C 196 0.17 31.39 -14.72
N LEU C 197 0.01 32.70 -15.04
CA LEU C 197 -1.25 33.22 -15.58
C LEU C 197 -1.54 32.77 -17.01
N CYS C 198 -0.51 32.22 -17.68
CA CYS C 198 -0.64 31.64 -19.02
C CYS C 198 -1.64 30.46 -18.96
N ASP C 199 -1.76 29.80 -17.78
CA ASP C 199 -2.69 28.67 -17.56
C ASP C 199 -4.13 29.12 -17.58
N ILE C 200 -4.39 30.37 -17.17
CA ILE C 200 -5.74 30.96 -17.15
C ILE C 200 -6.23 31.17 -18.58
N TRP C 201 -5.36 31.68 -19.47
CA TRP C 201 -5.65 31.89 -20.88
C TRP C 201 -6.00 30.55 -21.52
N SER C 202 -5.13 29.53 -21.34
CA SER C 202 -5.31 28.16 -21.81
C SER C 202 -6.62 27.59 -21.35
N LEU C 203 -7.00 27.85 -20.07
CA LEU C 203 -8.31 27.40 -19.61
C LEU C 203 -9.45 28.04 -20.40
N GLY C 204 -9.30 29.33 -20.72
CA GLY C 204 -10.28 30.06 -21.50
C GLY C 204 -10.48 29.53 -22.90
N ILE C 205 -9.40 29.09 -23.57
CA ILE C 205 -9.50 28.53 -24.93
C ILE C 205 -10.05 27.10 -24.86
N THR C 206 -9.70 26.34 -23.79
CA THR C 206 -10.20 24.99 -23.54
C THR C 206 -11.70 25.04 -23.36
N ALA C 207 -12.23 26.10 -22.68
CA ALA C 207 -13.69 26.25 -22.50
C ALA C 207 -14.40 26.43 -23.85
N ILE C 208 -13.77 27.16 -24.82
CA ILE C 208 -14.29 27.36 -26.19
C ILE C 208 -14.14 26.03 -26.98
N GLU C 209 -13.01 25.33 -26.80
CA GLU C 209 -12.75 24.01 -27.41
C GLU C 209 -13.86 23.01 -26.98
N LEU C 210 -14.29 23.03 -25.70
CA LEU C 210 -15.34 22.14 -25.20
C LEU C 210 -16.69 22.47 -25.79
N ALA C 211 -16.91 23.77 -26.06
CA ALA C 211 -18.17 24.29 -26.58
C ALA C 211 -18.29 24.18 -28.11
N GLU C 212 -17.17 24.29 -28.85
CA GLU C 212 -17.19 24.32 -30.31
C GLU C 212 -16.49 23.14 -31.00
N LEU C 213 -15.81 22.24 -30.23
CA LEU C 213 -15.15 21.00 -30.68
C LEU C 213 -13.75 21.22 -31.24
N GLN C 214 -13.26 22.47 -31.19
CA GLN C 214 -11.91 22.85 -31.58
C GLN C 214 -11.56 24.22 -31.01
N PRO C 215 -10.26 24.50 -30.77
CA PRO C 215 -9.87 25.83 -30.29
C PRO C 215 -10.06 26.84 -31.44
N PRO C 216 -10.07 28.16 -31.14
CA PRO C 216 -10.20 29.16 -32.21
C PRO C 216 -9.00 29.17 -33.15
N LEU C 217 -9.27 29.42 -34.46
CA LEU C 217 -8.28 29.50 -35.53
C LEU C 217 -7.53 28.18 -35.74
N PHE C 218 -8.21 27.03 -35.47
CA PHE C 218 -7.63 25.69 -35.56
C PHE C 218 -7.29 25.28 -36.99
N ASP C 219 -8.04 25.81 -37.98
CA ASP C 219 -7.80 25.59 -39.42
C ASP C 219 -6.69 26.51 -39.97
N VAL C 220 -6.44 27.66 -39.30
CA VAL C 220 -5.41 28.64 -39.62
C VAL C 220 -4.03 28.05 -39.33
N HIS C 221 -3.03 28.31 -40.21
CA HIS C 221 -1.67 27.80 -40.09
C HIS C 221 -1.06 28.11 -38.71
N PRO C 222 -0.41 27.10 -38.04
CA PRO C 222 0.15 27.34 -36.70
C PRO C 222 1.15 28.49 -36.59
N LEU C 223 2.05 28.65 -37.59
CA LEU C 223 3.04 29.73 -37.61
C LEU C 223 2.37 31.11 -37.73
N ARG C 224 1.32 31.20 -38.56
CA ARG C 224 0.50 32.41 -38.73
C ARG C 224 -0.22 32.77 -37.41
N VAL C 225 -0.75 31.76 -36.67
CA VAL C 225 -1.43 31.98 -35.37
C VAL C 225 -0.42 32.59 -34.38
N LEU C 226 0.80 32.00 -34.27
CA LEU C 226 1.91 32.49 -33.42
C LEU C 226 2.22 33.97 -33.67
N PHE C 227 2.37 34.35 -34.96
CA PHE C 227 2.65 35.73 -35.39
C PHE C 227 1.52 36.68 -35.04
N LEU C 228 0.25 36.28 -35.32
CA LEU C 228 -0.90 37.14 -35.04
C LEU C 228 -1.02 37.53 -33.56
N MET C 229 -0.62 36.62 -32.63
CA MET C 229 -0.62 36.82 -31.17
C MET C 229 0.43 37.87 -30.74
N THR C 230 1.63 37.80 -31.33
CA THR C 230 2.76 38.71 -31.02
C THR C 230 2.50 40.15 -31.48
N LYS C 231 1.83 40.30 -32.65
CA LYS C 231 1.52 41.60 -33.26
C LYS C 231 0.55 42.40 -32.41
N SER C 232 0.77 43.74 -32.37
CA SER C 232 -0.04 44.69 -31.61
C SER C 232 -1.46 44.77 -32.16
N GLY C 233 -2.41 45.05 -31.29
CA GLY C 233 -3.82 45.14 -31.67
C GLY C 233 -4.48 43.79 -31.88
N TYR C 234 -3.80 42.69 -31.47
CA TYR C 234 -4.30 41.31 -31.53
C TYR C 234 -5.58 41.21 -30.73
N GLN C 235 -6.66 40.75 -31.36
CA GLN C 235 -7.94 40.61 -30.67
C GLN C 235 -8.10 39.21 -30.09
N PRO C 236 -8.25 39.06 -28.75
CA PRO C 236 -8.44 37.72 -28.15
C PRO C 236 -9.66 37.01 -28.73
N PRO C 237 -9.71 35.66 -28.73
CA PRO C 237 -10.89 34.98 -29.28
C PRO C 237 -12.15 35.11 -28.42
N ARG C 238 -13.30 34.73 -29.01
CA ARG C 238 -14.65 34.78 -28.42
C ARG C 238 -15.49 33.61 -28.95
N LEU C 239 -16.58 33.27 -28.25
CA LEU C 239 -17.51 32.22 -28.69
C LEU C 239 -18.19 32.67 -30.00
N LYS C 240 -18.27 31.77 -30.98
CA LYS C 240 -18.85 32.01 -32.30
C LYS C 240 -20.36 32.37 -32.22
N GLU C 241 -21.19 31.49 -31.61
CA GLU C 241 -22.64 31.65 -31.43
C GLU C 241 -23.00 32.38 -30.13
N LYS C 242 -23.36 33.67 -30.23
CA LYS C 242 -23.70 34.50 -29.08
C LYS C 242 -24.93 34.01 -28.27
N GLY C 243 -26.03 33.69 -28.97
CA GLY C 243 -27.30 33.28 -28.38
C GLY C 243 -27.35 31.96 -27.61
N LYS C 244 -26.47 31.01 -27.99
CA LYS C 244 -26.39 29.66 -27.40
C LYS C 244 -25.89 29.64 -25.93
N TRP C 245 -25.16 30.71 -25.51
CA TRP C 245 -24.51 30.82 -24.20
C TRP C 245 -24.91 32.05 -23.37
N SER C 246 -24.85 31.92 -22.03
CA SER C 246 -25.17 32.99 -21.09
C SER C 246 -24.12 34.11 -21.06
N ALA C 247 -24.50 35.30 -20.54
CA ALA C 247 -23.62 36.45 -20.38
C ALA C 247 -22.51 36.14 -19.38
N ALA C 248 -22.77 35.19 -18.44
CA ALA C 248 -21.81 34.70 -17.45
C ALA C 248 -20.71 33.88 -18.17
N PHE C 249 -21.11 33.06 -19.19
CA PHE C 249 -20.15 32.26 -19.98
C PHE C 249 -19.34 33.16 -20.90
N HIS C 250 -20.00 34.16 -21.55
CA HIS C 250 -19.34 35.15 -22.43
C HIS C 250 -18.31 35.98 -21.67
N ASN C 251 -18.62 36.35 -20.39
CA ASN C 251 -17.72 37.12 -19.52
C ASN C 251 -16.56 36.29 -19.00
N PHE C 252 -16.81 35.02 -18.59
CA PHE C 252 -15.75 34.11 -18.14
C PHE C 252 -14.69 34.00 -19.25
N ILE C 253 -15.15 33.85 -20.51
CA ILE C 253 -14.29 33.81 -21.69
C ILE C 253 -13.49 35.14 -21.83
N LYS C 254 -14.16 36.29 -21.74
CA LYS C 254 -13.58 37.64 -21.84
C LYS C 254 -12.46 37.85 -20.78
N VAL C 255 -12.73 37.54 -19.49
CA VAL C 255 -11.72 37.74 -18.45
C VAL C 255 -10.56 36.72 -18.49
N THR C 256 -10.81 35.43 -18.85
CA THR C 256 -9.71 34.44 -18.92
C THR C 256 -8.80 34.79 -20.09
N LEU C 257 -9.38 35.31 -21.17
CA LEU C 257 -8.64 35.72 -22.36
C LEU C 257 -8.28 37.23 -22.37
N THR C 258 -7.77 37.74 -21.22
CA THR C 258 -7.26 39.11 -21.09
C THR C 258 -5.84 39.08 -21.69
N LYS C 259 -5.64 39.82 -22.79
CA LYS C 259 -4.35 39.94 -23.48
C LYS C 259 -3.18 40.18 -22.50
N SER C 260 -3.33 41.18 -21.62
CA SER C 260 -2.34 41.59 -20.64
C SER C 260 -2.24 40.68 -19.40
N PRO C 261 -1.08 40.00 -19.18
CA PRO C 261 -0.95 39.14 -17.99
C PRO C 261 -1.10 39.86 -16.64
N LYS C 262 -0.73 41.16 -16.58
CA LYS C 262 -0.87 42.00 -15.38
C LYS C 262 -2.36 42.18 -15.01
N LYS C 263 -3.26 42.10 -16.01
CA LYS C 263 -4.70 42.26 -15.77
C LYS C 263 -5.48 40.93 -15.77
N ARG C 264 -4.84 39.82 -16.19
CA ARG C 264 -5.49 38.49 -16.19
C ARG C 264 -5.69 38.01 -14.73
N PRO C 265 -6.94 37.68 -14.33
CA PRO C 265 -7.14 37.23 -12.96
C PRO C 265 -6.47 35.89 -12.66
N SER C 266 -6.09 35.70 -11.38
CA SER C 266 -5.46 34.48 -10.88
C SER C 266 -6.51 33.30 -10.89
N ALA C 267 -6.06 32.06 -10.54
CA ALA C 267 -6.94 30.90 -10.48
C ALA C 267 -7.91 31.03 -9.31
N THR C 268 -7.40 31.47 -8.13
CA THR C 268 -8.22 31.64 -6.91
C THR C 268 -9.24 32.78 -7.10
N LYS C 269 -8.89 33.83 -7.87
CA LYS C 269 -9.82 34.91 -8.19
C LYS C 269 -10.89 34.42 -9.19
N MET C 270 -10.49 33.61 -10.19
CA MET C 270 -11.44 33.05 -11.18
C MET C 270 -12.45 32.11 -10.51
N LEU C 271 -12.04 31.49 -9.39
CA LEU C 271 -12.93 30.58 -8.62
C LEU C 271 -14.14 31.31 -8.00
N SER C 272 -14.10 32.66 -7.96
CA SER C 272 -15.22 33.47 -7.44
C SER C 272 -16.13 34.02 -8.56
N HIS C 273 -15.79 33.74 -9.83
CA HIS C 273 -16.57 34.17 -10.99
C HIS C 273 -17.89 33.41 -11.04
N GLN C 274 -18.99 34.13 -11.31
CA GLN C 274 -20.38 33.65 -11.37
C GLN C 274 -20.54 32.27 -12.05
N LEU C 275 -19.88 32.06 -13.20
CA LEU C 275 -19.96 30.84 -14.00
C LEU C 275 -19.61 29.58 -13.21
N VAL C 276 -18.50 29.61 -12.46
CA VAL C 276 -17.97 28.46 -11.70
C VAL C 276 -18.26 28.54 -10.17
N SER C 277 -19.07 29.53 -9.75
CA SER C 277 -19.49 29.75 -8.35
C SER C 277 -20.95 29.33 -8.16
N GLN C 278 -21.73 29.26 -9.27
CA GLN C 278 -23.15 28.93 -9.26
C GLN C 278 -23.48 27.58 -8.58
N PRO C 279 -24.66 27.46 -7.91
CA PRO C 279 -25.00 26.17 -7.26
C PRO C 279 -25.36 25.08 -8.27
N GLY C 280 -25.26 23.82 -7.84
CA GLY C 280 -25.56 22.65 -8.66
C GLY C 280 -24.45 22.19 -9.58
N LEU C 281 -23.20 22.59 -9.29
CA LEU C 281 -22.04 22.18 -10.05
C LEU C 281 -21.38 21.03 -9.29
N ASN C 282 -21.68 19.80 -9.72
CA ASN C 282 -21.21 18.55 -9.12
C ASN C 282 -20.94 17.48 -10.20
N ARG C 283 -20.35 16.34 -9.76
CA ARG C 283 -20.02 15.16 -10.55
C ARG C 283 -21.24 14.62 -11.35
N GLY C 284 -22.46 14.90 -10.85
CA GLY C 284 -23.73 14.50 -11.46
C GLY C 284 -23.86 14.91 -12.92
N LEU C 285 -23.41 16.13 -13.24
CA LEU C 285 -23.42 16.66 -14.62
C LEU C 285 -22.58 15.79 -15.56
N ILE C 286 -21.46 15.27 -15.04
CA ILE C 286 -20.59 14.43 -15.85
C ILE C 286 -21.08 12.98 -15.84
N LEU C 287 -21.60 12.49 -14.70
CA LEU C 287 -22.17 11.12 -14.61
C LEU C 287 -23.35 10.93 -15.58
N ASP C 288 -24.17 12.00 -15.75
CA ASP C 288 -25.31 12.04 -16.68
C ASP C 288 -24.83 11.85 -18.13
N LEU C 289 -23.75 12.56 -18.49
CA LEU C 289 -23.03 12.56 -19.77
C LEU C 289 -22.44 11.16 -20.02
N LEU C 290 -21.76 10.59 -19.00
CA LEU C 290 -21.19 9.24 -19.08
C LEU C 290 -22.27 8.15 -19.27
N ASP C 291 -23.45 8.34 -18.65
CA ASP C 291 -24.59 7.41 -18.74
C ASP C 291 -25.25 7.47 -20.13
N LYS C 292 -25.36 8.68 -20.74
CA LYS C 292 -25.92 8.83 -22.09
C LYS C 292 -24.90 8.30 -23.12
N LEU C 293 -23.58 8.40 -22.82
CA LEU C 293 -22.47 7.90 -23.63
C LEU C 293 -22.48 6.36 -23.70
N LYS C 294 -23.18 5.69 -22.75
CA LYS C 294 -23.35 4.23 -22.71
C LYS C 294 -24.40 3.81 -23.77
N ASN C 295 -25.45 4.65 -23.95
CA ASN C 295 -26.55 4.43 -24.89
C ASN C 295 -26.50 5.42 -26.05
N ILE D 10 -34.23 -22.92 -20.05
CA ILE D 10 -33.45 -23.63 -19.03
C ILE D 10 -32.35 -24.52 -19.66
N PHE D 11 -31.09 -24.35 -19.22
CA PHE D 11 -29.95 -25.11 -19.73
C PHE D 11 -29.70 -26.37 -18.89
N ASN D 12 -29.75 -27.55 -19.55
CA ASN D 12 -29.46 -28.81 -18.85
C ASN D 12 -27.98 -29.17 -19.00
N ARG D 13 -27.12 -28.24 -18.55
CA ARG D 13 -25.67 -28.35 -18.52
C ARG D 13 -25.12 -27.90 -17.17
N ASP D 14 -23.85 -28.23 -16.91
CA ASP D 14 -23.17 -27.89 -15.67
C ASP D 14 -22.74 -26.42 -15.73
N PRO D 15 -23.16 -25.55 -14.78
CA PRO D 15 -22.70 -24.15 -14.82
C PRO D 15 -21.19 -24.04 -14.59
N ARG D 16 -20.62 -25.04 -13.87
CA ARG D 16 -19.21 -25.15 -13.54
C ARG D 16 -18.31 -25.21 -14.76
N ASP D 17 -18.84 -25.65 -15.94
CA ASP D 17 -18.14 -25.68 -17.22
C ASP D 17 -18.04 -24.28 -17.84
N HIS D 18 -18.73 -23.27 -17.25
CA HIS D 18 -18.75 -21.89 -17.77
C HIS D 18 -18.35 -20.85 -16.72
N TYR D 19 -18.49 -21.21 -15.43
CA TYR D 19 -18.20 -20.32 -14.32
C TYR D 19 -17.30 -20.90 -13.24
N ASP D 20 -16.44 -20.02 -12.69
CA ASP D 20 -15.53 -20.28 -11.57
C ASP D 20 -16.17 -19.68 -10.31
N LEU D 21 -16.44 -20.49 -9.30
CA LEU D 21 -17.02 -20.03 -8.03
C LEU D 21 -15.92 -19.37 -7.19
N LEU D 22 -16.10 -18.06 -6.90
CA LEU D 22 -15.11 -17.26 -6.15
C LEU D 22 -15.37 -17.22 -4.64
N GLN D 23 -16.62 -16.95 -4.21
CA GLN D 23 -16.99 -16.90 -2.78
C GLN D 23 -18.49 -16.92 -2.56
N ARG D 24 -18.90 -17.26 -1.34
CA ARG D 24 -20.30 -17.29 -0.90
C ARG D 24 -20.66 -15.84 -0.56
N LEU D 25 -21.68 -15.29 -1.24
CA LEU D 25 -22.13 -13.92 -0.97
C LEU D 25 -23.08 -13.85 0.21
N GLY D 26 -23.88 -14.90 0.38
CA GLY D 26 -24.83 -15.04 1.48
C GLY D 26 -25.91 -16.08 1.21
N GLY D 27 -26.88 -16.14 2.11
CA GLY D 27 -28.01 -17.06 1.99
C GLY D 27 -29.19 -16.47 1.24
N GLY D 28 -30.09 -15.84 1.98
CA GLY D 28 -31.33 -15.31 1.43
C GLY D 28 -32.51 -16.18 1.85
N THR D 29 -33.69 -15.95 1.24
CA THR D 29 -34.94 -16.67 1.58
C THR D 29 -34.72 -18.18 1.50
N TYR D 30 -34.17 -18.63 0.38
CA TYR D 30 -33.77 -20.03 0.19
C TYR D 30 -32.53 -20.09 -0.72
N GLY D 31 -31.77 -21.16 -0.57
CA GLY D 31 -30.51 -21.40 -1.29
C GLY D 31 -29.40 -20.47 -0.84
N GLU D 32 -28.31 -20.43 -1.62
CA GLU D 32 -27.17 -19.56 -1.35
C GLU D 32 -26.73 -18.87 -2.63
N VAL D 33 -26.11 -17.70 -2.50
CA VAL D 33 -25.64 -16.91 -3.64
C VAL D 33 -24.12 -16.93 -3.65
N PHE D 34 -23.54 -17.14 -4.83
CA PHE D 34 -22.08 -17.19 -5.00
C PHE D 34 -21.63 -16.12 -5.96
N LYS D 35 -20.45 -15.55 -5.68
CA LYS D 35 -19.78 -14.64 -6.58
C LYS D 35 -19.12 -15.61 -7.58
N ALA D 36 -19.32 -15.40 -8.88
CA ALA D 36 -18.76 -16.29 -9.89
C ALA D 36 -18.22 -15.51 -11.07
N ARG D 37 -17.18 -16.05 -11.72
CA ARG D 37 -16.55 -15.43 -12.89
C ARG D 37 -16.72 -16.29 -14.13
N ASP D 38 -17.19 -15.66 -15.21
CA ASP D 38 -17.37 -16.26 -16.53
C ASP D 38 -15.98 -16.63 -17.08
N LYS D 39 -15.79 -17.90 -17.49
CA LYS D 39 -14.50 -18.40 -17.99
C LYS D 39 -14.06 -17.76 -19.31
N VAL D 40 -14.95 -17.71 -20.32
CA VAL D 40 -14.63 -17.15 -21.63
C VAL D 40 -14.54 -15.60 -21.61
N SER D 41 -15.61 -14.89 -21.16
CA SER D 41 -15.67 -13.42 -21.13
C SER D 41 -14.98 -12.76 -19.92
N GLY D 42 -14.85 -13.48 -18.80
CA GLY D 42 -14.22 -12.94 -17.59
C GLY D 42 -15.13 -12.11 -16.70
N ASP D 43 -16.40 -11.95 -17.13
CA ASP D 43 -17.43 -11.19 -16.44
C ASP D 43 -17.89 -11.83 -15.11
N LEU D 44 -18.10 -10.98 -14.07
CA LEU D 44 -18.59 -11.45 -12.79
C LEU D 44 -20.12 -11.47 -12.81
N VAL D 45 -20.69 -12.57 -12.27
CA VAL D 45 -22.12 -12.80 -12.13
C VAL D 45 -22.37 -13.26 -10.69
N ALA D 46 -23.64 -13.31 -10.31
CA ALA D 46 -24.06 -13.86 -9.04
C ALA D 46 -24.80 -15.14 -9.41
N LEU D 47 -24.47 -16.26 -8.76
CA LEU D 47 -25.14 -17.53 -9.01
C LEU D 47 -25.86 -17.97 -7.75
N LYS D 48 -27.22 -17.98 -7.79
CA LYS D 48 -28.05 -18.47 -6.69
C LYS D 48 -28.20 -19.97 -6.93
N MET D 49 -27.86 -20.79 -5.95
CA MET D 49 -27.95 -22.24 -6.08
C MET D 49 -28.90 -22.83 -5.05
N VAL D 50 -29.89 -23.60 -5.52
CA VAL D 50 -30.90 -24.26 -4.67
C VAL D 50 -30.90 -25.78 -4.96
N LYS D 51 -31.14 -26.61 -3.91
CA LYS D 51 -31.25 -28.06 -4.03
C LYS D 51 -32.63 -28.39 -4.64
N MET D 52 -32.67 -29.29 -5.61
CA MET D 52 -33.90 -29.73 -6.29
C MET D 52 -34.53 -30.95 -5.61
N ASP D 57 -40.10 -28.49 -3.63
CA ASP D 57 -41.07 -27.54 -4.15
C ASP D 57 -40.62 -26.93 -5.49
N VAL D 58 -41.03 -27.58 -6.61
CA VAL D 58 -40.66 -27.14 -7.97
C VAL D 58 -41.37 -25.83 -8.35
N SER D 59 -42.66 -25.70 -8.00
CA SER D 59 -43.54 -24.56 -8.29
C SER D 59 -42.99 -23.20 -7.84
N THR D 60 -42.36 -23.14 -6.65
CA THR D 60 -41.75 -21.94 -6.08
C THR D 60 -40.57 -21.50 -6.98
N LEU D 61 -39.62 -22.41 -7.22
CA LEU D 61 -38.43 -22.18 -8.06
C LEU D 61 -38.78 -21.79 -9.50
N GLN D 62 -39.91 -22.33 -10.04
CA GLN D 62 -40.45 -22.03 -11.38
C GLN D 62 -41.02 -20.61 -11.41
N LYS D 63 -41.64 -20.18 -10.29
CA LYS D 63 -42.25 -18.86 -10.14
C LYS D 63 -41.16 -17.78 -10.02
N GLU D 64 -40.09 -18.06 -9.26
CA GLU D 64 -38.96 -17.13 -9.11
C GLU D 64 -38.29 -16.88 -10.44
N ILE D 65 -38.01 -17.95 -11.24
CA ILE D 65 -37.37 -17.82 -12.55
C ILE D 65 -38.29 -17.04 -13.51
N LEU D 66 -39.61 -17.33 -13.48
CA LEU D 66 -40.59 -16.61 -14.30
C LEU D 66 -40.63 -15.13 -13.93
N ILE D 67 -40.64 -14.80 -12.63
CA ILE D 67 -40.62 -13.40 -12.15
C ILE D 67 -39.37 -12.71 -12.69
N LEU D 68 -38.20 -13.36 -12.55
CA LEU D 68 -36.90 -12.85 -12.96
C LEU D 68 -36.78 -12.63 -14.48
N LYS D 69 -37.15 -13.65 -15.27
CA LYS D 69 -37.11 -13.66 -16.73
C LYS D 69 -37.99 -12.58 -17.33
N THR D 70 -39.22 -12.41 -16.82
CA THR D 70 -40.19 -11.47 -17.39
C THR D 70 -40.01 -10.02 -16.92
N CYS D 71 -38.96 -9.77 -16.12
CA CYS D 71 -38.60 -8.43 -15.67
C CYS D 71 -37.50 -7.88 -16.60
N ARG D 72 -37.76 -6.71 -17.19
CA ARG D 72 -36.82 -5.98 -18.05
C ARG D 72 -36.84 -4.50 -17.67
N HIS D 73 -36.20 -4.20 -16.53
CA HIS D 73 -36.14 -2.88 -15.92
C HIS D 73 -34.82 -2.73 -15.21
N ALA D 74 -34.23 -1.55 -15.35
CA ALA D 74 -32.94 -1.19 -14.78
C ALA D 74 -32.85 -1.31 -13.27
N ASN D 75 -33.97 -1.15 -12.53
CA ASN D 75 -33.89 -1.20 -11.06
C ASN D 75 -34.21 -2.60 -10.49
N ILE D 76 -34.21 -3.62 -11.36
CA ILE D 76 -34.43 -5.01 -10.95
C ILE D 76 -33.26 -5.81 -11.49
N VAL D 77 -32.55 -6.57 -10.61
CA VAL D 77 -31.40 -7.41 -11.02
C VAL D 77 -31.70 -8.16 -12.33
N ALA D 78 -30.82 -8.01 -13.31
CA ALA D 78 -30.96 -8.67 -14.60
C ALA D 78 -30.77 -10.18 -14.41
N TYR D 79 -31.50 -10.96 -15.20
CA TYR D 79 -31.53 -12.41 -15.23
C TYR D 79 -30.77 -12.82 -16.49
N HIS D 80 -29.81 -13.75 -16.34
CA HIS D 80 -28.96 -14.18 -17.45
C HIS D 80 -29.24 -15.59 -17.94
N GLY D 81 -29.98 -16.35 -17.15
CA GLY D 81 -30.32 -17.72 -17.45
C GLY D 81 -30.29 -18.60 -16.22
N SER D 82 -30.67 -19.88 -16.39
CA SER D 82 -30.75 -20.86 -15.31
C SER D 82 -30.26 -22.20 -15.74
N TYR D 83 -29.62 -22.92 -14.81
CA TYR D 83 -28.99 -24.23 -14.99
C TYR D 83 -29.59 -25.28 -14.08
N LEU D 84 -29.82 -26.51 -14.63
CA LEU D 84 -30.27 -27.69 -13.90
C LEU D 84 -29.21 -28.81 -14.09
N TRP D 85 -28.53 -29.19 -12.99
CA TRP D 85 -27.44 -30.18 -13.01
C TRP D 85 -27.16 -30.74 -11.62
N LEU D 86 -27.07 -32.09 -11.52
CA LEU D 86 -26.78 -32.90 -10.31
C LEU D 86 -27.73 -32.56 -9.12
N GLN D 87 -29.05 -32.46 -9.41
CA GLN D 87 -30.16 -32.15 -8.50
C GLN D 87 -30.01 -30.76 -7.83
N LYS D 88 -29.39 -29.82 -8.56
CA LYS D 88 -29.15 -28.42 -8.16
C LYS D 88 -29.64 -27.48 -9.25
N LEU D 89 -30.41 -26.45 -8.86
CA LEU D 89 -30.92 -25.41 -9.76
C LEU D 89 -30.14 -24.13 -9.44
N TRP D 90 -29.46 -23.61 -10.48
CA TRP D 90 -28.61 -22.41 -10.42
C TRP D 90 -29.26 -21.29 -11.19
N ILE D 91 -29.48 -20.15 -10.54
CA ILE D 91 -30.03 -18.99 -11.22
C ILE D 91 -28.89 -18.00 -11.36
N CYS D 92 -28.61 -17.62 -12.61
CA CYS D 92 -27.54 -16.70 -12.93
C CYS D 92 -28.10 -15.31 -13.05
N MET D 93 -27.54 -14.39 -12.25
CA MET D 93 -28.00 -13.00 -12.17
C MET D 93 -26.86 -12.02 -12.17
N GLU D 94 -27.22 -10.75 -12.31
CA GLU D 94 -26.37 -9.57 -12.29
C GLU D 94 -25.65 -9.46 -10.94
N PHE D 95 -24.31 -9.38 -10.97
CA PHE D 95 -23.50 -9.18 -9.76
C PHE D 95 -23.45 -7.69 -9.46
N CYS D 96 -23.56 -7.32 -8.18
CA CYS D 96 -23.56 -5.92 -7.73
C CYS D 96 -22.41 -5.77 -6.76
N GLY D 97 -21.33 -5.16 -7.27
CA GLY D 97 -20.04 -4.97 -6.61
C GLY D 97 -19.98 -4.44 -5.20
N ALA D 98 -20.84 -3.46 -4.84
CA ALA D 98 -20.87 -2.89 -3.49
C ALA D 98 -21.78 -3.66 -2.51
N GLY D 99 -22.43 -4.70 -3.02
CA GLY D 99 -23.32 -5.54 -2.21
C GLY D 99 -24.63 -4.85 -1.87
N SER D 100 -25.23 -5.25 -0.73
CA SER D 100 -26.52 -4.71 -0.29
C SER D 100 -26.33 -3.45 0.52
N LEU D 101 -27.39 -2.61 0.66
CA LEU D 101 -27.31 -1.41 1.50
C LEU D 101 -27.02 -1.73 2.97
N GLN D 102 -27.50 -2.90 3.47
CA GLN D 102 -27.18 -3.39 4.82
C GLN D 102 -25.67 -3.66 4.95
N ASP D 103 -25.04 -4.33 3.95
CA ASP D 103 -23.61 -4.65 3.97
C ASP D 103 -22.83 -3.35 4.07
N ILE D 104 -23.29 -2.32 3.38
CA ILE D 104 -22.67 -1.00 3.33
C ILE D 104 -22.81 -0.22 4.64
N TYR D 105 -24.04 0.02 5.15
CA TYR D 105 -24.26 0.86 6.35
C TYR D 105 -23.74 0.22 7.64
N GLN D 106 -23.49 -1.10 7.64
CA GLN D 106 -22.87 -1.77 8.78
C GLN D 106 -21.40 -1.32 8.92
N VAL D 107 -20.83 -0.78 7.84
CA VAL D 107 -19.44 -0.25 7.80
C VAL D 107 -19.44 1.30 7.83
N THR D 108 -20.16 1.87 6.88
CA THR D 108 -20.39 3.27 6.57
C THR D 108 -21.13 4.07 7.67
N GLY D 109 -22.10 3.45 8.35
CA GLY D 109 -22.99 4.13 9.29
C GLY D 109 -24.16 4.73 8.50
N SER D 110 -25.02 5.53 9.16
CA SER D 110 -26.22 6.19 8.58
C SER D 110 -26.03 6.85 7.20
N LEU D 111 -27.01 6.66 6.30
CA LEU D 111 -27.00 7.37 5.02
C LEU D 111 -27.52 8.81 5.26
N SER D 112 -27.20 9.75 4.35
CA SER D 112 -27.68 11.14 4.43
C SER D 112 -29.08 11.18 3.84
N GLU D 113 -29.82 12.26 4.05
CA GLU D 113 -31.18 12.37 3.51
C GLU D 113 -31.21 12.28 1.97
N LEU D 114 -30.23 12.93 1.29
CA LEU D 114 -30.14 12.91 -0.18
C LEU D 114 -29.82 11.50 -0.70
N GLN D 115 -28.96 10.76 0.02
CA GLN D 115 -28.61 9.36 -0.32
C GLN D 115 -29.85 8.46 -0.14
N ILE D 116 -30.61 8.67 0.94
CA ILE D 116 -31.87 7.91 1.15
C ILE D 116 -32.90 8.24 0.04
N SER D 117 -33.04 9.55 -0.32
CA SER D 117 -34.00 10.05 -1.33
C SER D 117 -33.82 9.39 -2.68
N TYR D 118 -32.55 9.31 -3.14
CA TYR D 118 -32.11 8.64 -4.37
C TYR D 118 -32.45 7.14 -4.28
N VAL D 119 -32.11 6.48 -3.16
CA VAL D 119 -32.43 5.06 -2.99
C VAL D 119 -33.95 4.81 -3.08
N CYS D 120 -34.75 5.64 -2.38
CA CYS D 120 -36.23 5.53 -2.38
C CYS D 120 -36.80 5.73 -3.78
N ARG D 121 -36.29 6.72 -4.51
CA ARG D 121 -36.70 6.98 -5.89
C ARG D 121 -36.44 5.76 -6.76
N GLU D 122 -35.20 5.21 -6.69
CA GLU D 122 -34.78 4.03 -7.47
C GLU D 122 -35.61 2.80 -7.12
N VAL D 123 -35.87 2.58 -5.83
CA VAL D 123 -36.72 1.46 -5.38
C VAL D 123 -38.13 1.62 -5.94
N LEU D 124 -38.72 2.84 -5.81
CA LEU D 124 -40.06 3.16 -6.34
C LEU D 124 -40.21 2.91 -7.86
N GLN D 125 -39.16 3.21 -8.67
CA GLN D 125 -39.13 2.95 -10.12
C GLN D 125 -39.26 1.45 -10.40
N GLY D 126 -38.55 0.63 -9.62
CA GLY D 126 -38.63 -0.83 -9.70
C GLY D 126 -39.98 -1.32 -9.22
N LEU D 127 -40.50 -0.76 -8.09
CA LEU D 127 -41.83 -1.11 -7.56
C LEU D 127 -42.96 -0.76 -8.54
N ALA D 128 -42.94 0.45 -9.13
CA ALA D 128 -43.95 0.86 -10.12
C ALA D 128 -43.91 -0.07 -11.32
N TYR D 129 -42.69 -0.49 -11.73
CA TYR D 129 -42.53 -1.45 -12.83
C TYR D 129 -43.09 -2.83 -12.44
N LEU D 130 -42.72 -3.34 -11.23
CA LEU D 130 -43.18 -4.65 -10.76
C LEU D 130 -44.69 -4.69 -10.66
N HIS D 131 -45.27 -3.63 -10.04
CA HIS D 131 -46.69 -3.49 -9.78
C HIS D 131 -47.48 -3.44 -11.10
N SER D 132 -47.00 -2.68 -12.11
CA SER D 132 -47.62 -2.63 -13.45
C SER D 132 -47.69 -4.02 -14.14
N GLN D 133 -46.84 -4.96 -13.69
CA GLN D 133 -46.72 -6.35 -14.20
C GLN D 133 -47.48 -7.33 -13.30
N LYS D 134 -48.22 -6.79 -12.32
CA LYS D 134 -49.03 -7.56 -11.35
C LYS D 134 -48.14 -8.52 -10.54
N LYS D 135 -46.93 -8.02 -10.18
CA LYS D 135 -45.93 -8.68 -9.33
C LYS D 135 -45.83 -7.88 -8.03
N ILE D 136 -45.50 -8.56 -6.92
CA ILE D 136 -45.30 -7.94 -5.61
C ILE D 136 -43.91 -8.40 -5.15
N HIS D 137 -43.08 -7.50 -4.60
CA HIS D 137 -41.78 -7.96 -4.09
C HIS D 137 -41.99 -8.71 -2.76
N ARG D 138 -42.65 -8.06 -1.81
CA ARG D 138 -43.03 -8.55 -0.48
C ARG D 138 -41.84 -8.67 0.49
N ASP D 139 -40.60 -8.30 0.07
CA ASP D 139 -39.45 -8.37 0.97
C ASP D 139 -38.46 -7.17 0.83
N ILE D 140 -39.01 -5.96 0.79
CA ILE D 140 -38.25 -4.72 0.70
C ILE D 140 -37.62 -4.48 2.04
N LYS D 141 -36.29 -4.39 2.03
CA LYS D 141 -35.43 -4.14 3.19
C LYS D 141 -34.06 -3.79 2.64
N GLY D 142 -33.19 -3.28 3.50
CA GLY D 142 -31.83 -2.87 3.14
C GLY D 142 -30.98 -4.02 2.61
N ALA D 143 -31.20 -5.25 3.13
CA ALA D 143 -30.45 -6.43 2.69
C ALA D 143 -30.85 -6.88 1.26
N ASN D 144 -31.99 -6.40 0.71
CA ASN D 144 -32.44 -6.81 -0.64
C ASN D 144 -32.38 -5.70 -1.72
N ILE D 145 -31.71 -4.61 -1.40
CA ILE D 145 -31.48 -3.51 -2.33
C ILE D 145 -29.98 -3.48 -2.54
N LEU D 146 -29.56 -3.82 -3.74
CA LEU D 146 -28.15 -3.98 -4.10
C LEU D 146 -27.63 -2.79 -4.84
N ILE D 147 -26.34 -2.53 -4.64
CA ILE D 147 -25.58 -1.41 -5.22
C ILE D 147 -24.42 -1.95 -6.03
N ASN D 148 -24.33 -1.57 -7.32
CA ASN D 148 -23.22 -1.96 -8.19
C ASN D 148 -22.07 -0.93 -8.04
N ASP D 149 -20.96 -1.14 -8.77
CA ASP D 149 -19.81 -0.24 -8.72
C ASP D 149 -20.15 1.18 -9.20
N ALA D 150 -21.09 1.30 -10.15
CA ALA D 150 -21.50 2.59 -10.70
C ALA D 150 -22.41 3.39 -9.73
N GLY D 151 -22.76 2.79 -8.58
CA GLY D 151 -23.60 3.43 -7.59
C GLY D 151 -25.07 3.34 -7.96
N GLU D 152 -25.41 2.39 -8.83
CA GLU D 152 -26.80 2.15 -9.27
C GLU D 152 -27.50 1.12 -8.36
N VAL D 153 -28.84 1.26 -8.24
CA VAL D 153 -29.70 0.49 -7.34
C VAL D 153 -30.48 -0.64 -8.04
N ARG D 154 -30.42 -1.86 -7.48
CA ARG D 154 -31.17 -3.01 -8.01
C ARG D 154 -31.92 -3.72 -6.87
N LEU D 155 -33.19 -4.10 -7.12
CA LEU D 155 -33.95 -4.88 -6.15
C LEU D 155 -33.65 -6.34 -6.41
N ALA D 156 -33.40 -7.11 -5.35
CA ALA D 156 -33.15 -8.55 -5.50
C ALA D 156 -33.93 -9.42 -4.51
N ASP D 157 -33.77 -10.75 -4.60
CA ASP D 157 -34.43 -11.77 -3.77
C ASP D 157 -35.93 -11.75 -3.92
N PHE D 158 -36.41 -12.43 -4.96
CA PHE D 158 -37.82 -12.59 -5.26
C PHE D 158 -38.31 -13.97 -4.70
N GLY D 159 -37.61 -14.49 -3.70
CA GLY D 159 -37.91 -15.75 -3.01
C GLY D 159 -39.23 -15.73 -2.27
N ILE D 160 -39.51 -14.68 -1.43
CA ILE D 160 -40.77 -14.53 -0.70
C ILE D 160 -41.91 -14.32 -1.72
N SER D 161 -41.64 -13.55 -2.78
CA SER D 161 -42.58 -13.29 -3.88
C SER D 161 -42.96 -14.62 -4.56
N ALA D 162 -41.95 -15.46 -4.84
CA ALA D 162 -42.13 -16.76 -5.47
C ALA D 162 -42.93 -17.72 -4.57
N GLN D 163 -42.63 -17.74 -3.25
CA GLN D 163 -43.32 -18.59 -2.28
C GLN D 163 -44.80 -18.21 -2.18
N ILE D 164 -45.09 -16.90 -2.17
CA ILE D 164 -46.44 -16.36 -2.11
C ILE D 164 -47.24 -16.71 -3.37
N GLY D 165 -46.64 -16.48 -4.54
CA GLY D 165 -47.24 -16.76 -5.85
C GLY D 165 -47.53 -18.23 -6.08
N ALA D 166 -46.61 -19.13 -5.61
CA ALA D 166 -46.81 -20.58 -5.73
C ALA D 166 -47.93 -21.08 -4.79
N GLU D 167 -48.00 -20.55 -3.55
CA GLU D 167 -49.03 -20.88 -2.56
C GLU D 167 -50.39 -20.37 -3.06
N LEU D 168 -50.42 -19.17 -3.66
CA LEU D 168 -51.63 -18.58 -4.21
C LEU D 168 -52.22 -19.47 -5.30
N ALA D 169 -51.38 -19.96 -6.23
CA ALA D 169 -51.77 -20.84 -7.34
C ALA D 169 -52.23 -22.23 -6.89
N ARG D 170 -51.59 -22.82 -5.85
CA ARG D 170 -51.91 -24.13 -5.28
C ARG D 170 -53.27 -24.10 -4.60
N ARG D 171 -53.60 -22.98 -3.91
CA ARG D 171 -54.87 -22.76 -3.22
C ARG D 171 -56.01 -22.65 -4.22
N LEU D 172 -55.77 -22.00 -5.38
CA LEU D 172 -56.76 -21.86 -6.43
C LEU D 172 -57.00 -23.21 -7.13
N GLU D 173 -55.94 -24.03 -7.25
CA GLU D 173 -56.00 -25.36 -7.83
C GLU D 173 -56.96 -26.27 -7.02
N PHE D 174 -56.82 -26.27 -5.67
CA PHE D 174 -57.60 -27.06 -4.70
C PHE D 174 -58.85 -26.30 -4.18
N ILE D 175 -59.29 -25.23 -4.88
CA ILE D 175 -60.43 -24.38 -4.47
C ILE D 175 -61.77 -25.14 -4.40
N GLY D 176 -61.99 -26.04 -5.38
CA GLY D 176 -63.21 -26.83 -5.47
C GLY D 176 -64.37 -26.01 -5.97
N THR D 177 -65.61 -26.53 -5.81
CA THR D 177 -66.76 -25.77 -6.31
C THR D 177 -67.04 -24.57 -5.40
N PRO D 178 -67.39 -23.41 -6.02
CA PRO D 178 -67.53 -22.17 -5.23
C PRO D 178 -68.97 -21.72 -4.92
N TYR D 179 -69.98 -22.51 -5.31
CA TYR D 179 -71.39 -22.10 -5.20
C TYR D 179 -71.85 -21.79 -3.77
N TRP D 180 -71.21 -22.43 -2.77
CA TRP D 180 -71.57 -22.22 -1.36
C TRP D 180 -70.62 -21.29 -0.59
N MET D 181 -69.46 -20.96 -1.22
CA MET D 181 -68.38 -20.10 -0.71
C MET D 181 -68.80 -18.63 -0.48
N ALA D 182 -68.40 -18.04 0.66
CA ALA D 182 -68.70 -16.65 1.00
C ALA D 182 -67.83 -15.71 0.11
N PRO D 183 -68.31 -14.50 -0.29
CA PRO D 183 -67.50 -13.62 -1.15
C PRO D 183 -66.08 -13.36 -0.65
N GLU D 184 -65.90 -13.23 0.69
CA GLU D 184 -64.58 -13.01 1.27
C GLU D 184 -63.67 -14.23 1.11
N VAL D 185 -64.25 -15.46 1.08
CA VAL D 185 -63.46 -16.69 0.91
C VAL D 185 -62.95 -16.75 -0.54
N ALA D 186 -63.82 -16.37 -1.50
CA ALA D 186 -63.50 -16.36 -2.92
C ALA D 186 -62.41 -15.30 -3.20
N ALA D 187 -62.55 -14.10 -2.58
CA ALA D 187 -61.63 -12.95 -2.65
C ALA D 187 -60.22 -13.26 -2.18
N VAL D 188 -60.06 -13.90 -0.99
CA VAL D 188 -58.70 -14.23 -0.53
C VAL D 188 -58.13 -15.40 -1.35
N ALA D 189 -58.99 -16.21 -1.98
CA ALA D 189 -58.51 -17.33 -2.82
C ALA D 189 -57.95 -16.84 -4.18
N LEU D 190 -58.49 -15.72 -4.68
CA LEU D 190 -58.12 -15.12 -5.94
C LEU D 190 -57.02 -14.05 -5.74
N LYS D 191 -57.25 -13.08 -4.81
CA LYS D 191 -56.38 -11.94 -4.50
C LYS D 191 -55.37 -12.16 -3.34
N GLY D 192 -55.71 -12.93 -2.32
CA GLY D 192 -54.77 -13.25 -1.23
C GLY D 192 -54.83 -12.62 0.16
N GLY D 193 -55.66 -11.60 0.37
CA GLY D 193 -55.73 -10.99 1.70
C GLY D 193 -55.10 -9.62 1.85
N TYR D 194 -54.14 -9.30 0.99
CA TYR D 194 -53.50 -7.96 0.93
C TYR D 194 -53.14 -7.69 -0.53
N ASN D 195 -52.55 -6.53 -0.81
CA ASN D 195 -52.20 -6.18 -2.19
C ASN D 195 -50.74 -5.66 -2.28
N GLU D 196 -50.37 -5.06 -3.43
CA GLU D 196 -49.03 -4.53 -3.75
C GLU D 196 -48.54 -3.38 -2.86
N LEU D 197 -49.47 -2.66 -2.25
CA LEU D 197 -49.17 -1.50 -1.39
C LEU D 197 -48.42 -1.85 -0.14
N CYS D 198 -48.29 -3.15 0.17
CA CYS D 198 -47.52 -3.61 1.32
C CYS D 198 -46.03 -3.27 1.10
N ASP D 199 -45.59 -3.16 -0.18
CA ASP D 199 -44.22 -2.80 -0.60
C ASP D 199 -43.95 -1.33 -0.30
N ILE D 200 -45.00 -0.48 -0.32
CA ILE D 200 -44.88 0.95 0.00
C ILE D 200 -44.58 1.15 1.48
N TRP D 201 -45.23 0.35 2.35
CA TRP D 201 -44.99 0.36 3.79
C TRP D 201 -43.54 -0.07 4.01
N SER D 202 -43.14 -1.21 3.43
CA SER D 202 -41.78 -1.76 3.52
C SER D 202 -40.68 -0.76 3.15
N LEU D 203 -40.88 0.02 2.06
CA LEU D 203 -39.97 1.08 1.65
C LEU D 203 -39.83 2.15 2.72
N GLY D 204 -40.95 2.50 3.35
CA GLY D 204 -41.00 3.47 4.44
C GLY D 204 -40.19 3.01 5.65
N ILE D 205 -40.30 1.71 6.00
CA ILE D 205 -39.49 1.09 7.08
C ILE D 205 -38.01 1.05 6.67
N THR D 206 -37.72 0.68 5.40
CA THR D 206 -36.34 0.66 4.85
C THR D 206 -35.70 2.05 4.96
N ALA D 207 -36.45 3.11 4.64
CA ALA D 207 -35.97 4.51 4.72
C ALA D 207 -35.49 4.87 6.15
N ILE D 208 -36.23 4.40 7.19
CA ILE D 208 -35.86 4.57 8.62
C ILE D 208 -34.63 3.72 8.92
N GLU D 209 -34.62 2.45 8.40
CA GLU D 209 -33.50 1.51 8.55
C GLU D 209 -32.19 2.17 8.05
N LEU D 210 -32.23 2.77 6.85
CA LEU D 210 -31.06 3.45 6.27
C LEU D 210 -30.58 4.65 7.09
N ALA D 211 -31.53 5.36 7.75
CA ALA D 211 -31.25 6.56 8.54
C ALA D 211 -30.81 6.25 9.95
N GLU D 212 -31.33 5.16 10.56
CA GLU D 212 -31.08 4.81 11.97
C GLU D 212 -30.30 3.51 12.25
N LEU D 213 -30.01 2.71 11.19
CA LEU D 213 -29.20 1.47 11.17
C LEU D 213 -29.92 0.23 11.72
N GLN D 214 -31.21 0.35 11.95
CA GLN D 214 -32.10 -0.71 12.36
C GLN D 214 -33.55 -0.23 12.08
N PRO D 215 -34.46 -1.17 11.72
CA PRO D 215 -35.85 -0.76 11.51
C PRO D 215 -36.51 -0.43 12.88
N PRO D 216 -37.70 0.19 12.90
CA PRO D 216 -38.36 0.48 14.20
C PRO D 216 -38.72 -0.77 14.99
N LEU D 217 -38.58 -0.70 16.33
CA LEU D 217 -38.86 -1.75 17.29
C LEU D 217 -37.95 -2.99 17.12
N PHE D 218 -36.78 -2.81 16.46
CA PHE D 218 -35.84 -3.90 16.27
C PHE D 218 -35.41 -4.58 17.57
N ASP D 219 -35.32 -3.82 18.67
CA ASP D 219 -34.93 -4.31 19.99
C ASP D 219 -36.00 -5.17 20.68
N VAL D 220 -37.27 -5.06 20.25
CA VAL D 220 -38.44 -5.79 20.78
C VAL D 220 -38.51 -7.14 20.13
N HIS D 221 -38.98 -8.17 20.89
CA HIS D 221 -39.14 -9.53 20.37
C HIS D 221 -40.05 -9.53 19.10
N PRO D 222 -39.65 -10.23 18.02
CA PRO D 222 -40.49 -10.26 16.79
C PRO D 222 -41.95 -10.65 16.97
N LEU D 223 -42.25 -11.61 17.88
CA LEU D 223 -43.59 -12.11 18.21
C LEU D 223 -44.41 -10.98 18.85
N ARG D 224 -43.80 -10.21 19.77
CA ARG D 224 -44.43 -9.08 20.43
C ARG D 224 -44.69 -7.96 19.39
N VAL D 225 -43.76 -7.76 18.43
CA VAL D 225 -43.92 -6.75 17.37
C VAL D 225 -45.15 -7.12 16.52
N LEU D 226 -45.28 -8.43 16.16
CA LEU D 226 -46.43 -8.96 15.40
C LEU D 226 -47.72 -8.63 16.12
N PHE D 227 -47.77 -8.88 17.45
CA PHE D 227 -48.98 -8.62 18.21
CA PHE D 227 -48.91 -8.61 18.35
C PHE D 227 -49.24 -7.12 18.41
N LEU D 228 -48.19 -6.26 18.51
CA LEU D 228 -48.37 -4.79 18.59
C LEU D 228 -48.92 -4.24 17.27
N MET D 229 -48.35 -4.67 16.14
CA MET D 229 -48.75 -4.27 14.76
C MET D 229 -50.21 -4.56 14.48
N THR D 230 -50.73 -5.71 14.97
CA THR D 230 -52.10 -6.16 14.69
C THR D 230 -53.12 -5.57 15.68
N LYS D 231 -52.68 -5.11 16.86
CA LYS D 231 -53.56 -4.51 17.86
C LYS D 231 -54.10 -3.18 17.35
N SER D 232 -55.40 -2.88 17.65
CA SER D 232 -56.03 -1.61 17.23
C SER D 232 -55.42 -0.48 18.06
N GLY D 233 -55.03 0.59 17.39
CA GLY D 233 -54.37 1.72 18.01
C GLY D 233 -52.86 1.72 17.80
N TYR D 234 -52.35 0.83 16.91
CA TYR D 234 -50.93 0.79 16.57
C TYR D 234 -50.60 2.09 15.85
N GLN D 235 -49.65 2.82 16.41
CA GLN D 235 -49.18 4.07 15.85
C GLN D 235 -47.99 3.77 14.94
N PRO D 236 -48.13 4.05 13.60
CA PRO D 236 -46.99 3.83 12.68
C PRO D 236 -45.70 4.48 13.17
N PRO D 237 -44.53 3.86 12.88
CA PRO D 237 -43.26 4.46 13.30
C PRO D 237 -42.96 5.82 12.67
N ARG D 238 -42.08 6.56 13.33
CA ARG D 238 -41.59 7.89 12.91
C ARG D 238 -40.09 7.91 13.10
N LEU D 239 -39.39 8.78 12.35
CA LEU D 239 -37.95 8.98 12.48
C LEU D 239 -37.65 9.47 13.90
N LYS D 240 -36.57 8.96 14.51
CA LYS D 240 -36.09 9.25 15.87
C LYS D 240 -35.63 10.69 16.00
N GLU D 241 -34.59 11.11 15.24
CA GLU D 241 -34.08 12.49 15.29
C GLU D 241 -34.99 13.38 14.48
N LYS D 242 -35.69 14.32 15.11
CA LYS D 242 -36.57 15.17 14.34
C LYS D 242 -35.80 16.29 13.62
N GLY D 243 -34.91 16.96 14.35
CA GLY D 243 -34.08 18.05 13.81
C GLY D 243 -33.19 17.71 12.63
N LYS D 244 -32.64 16.48 12.58
CA LYS D 244 -31.71 15.99 11.54
C LYS D 244 -32.29 15.93 10.14
N TRP D 245 -33.63 15.76 10.01
CA TRP D 245 -34.34 15.56 8.74
C TRP D 245 -35.35 16.64 8.43
N SER D 246 -35.48 16.93 7.14
CA SER D 246 -36.40 17.90 6.58
C SER D 246 -37.86 17.42 6.73
N ALA D 247 -38.80 18.36 6.58
CA ALA D 247 -40.22 18.08 6.65
C ALA D 247 -40.66 17.18 5.50
N ALA D 248 -39.97 17.25 4.35
CA ALA D 248 -40.29 16.42 3.17
C ALA D 248 -39.99 14.93 3.44
N PHE D 249 -38.91 14.64 4.24
CA PHE D 249 -38.53 13.29 4.66
C PHE D 249 -39.47 12.79 5.76
N HIS D 250 -39.80 13.65 6.74
CA HIS D 250 -40.74 13.29 7.79
C HIS D 250 -42.09 12.97 7.16
N ASN D 251 -42.48 13.71 6.12
CA ASN D 251 -43.73 13.49 5.41
C ASN D 251 -43.69 12.24 4.52
N PHE D 252 -42.54 11.94 3.93
CA PHE D 252 -42.37 10.75 3.09
C PHE D 252 -42.65 9.51 3.94
N ILE D 253 -42.14 9.50 5.19
CA ILE D 253 -42.35 8.47 6.20
C ILE D 253 -43.85 8.41 6.56
N LYS D 254 -44.47 9.58 6.76
CA LYS D 254 -45.90 9.72 7.12
C LYS D 254 -46.81 9.09 6.10
N VAL D 255 -46.62 9.41 4.82
CA VAL D 255 -47.52 8.89 3.78
C VAL D 255 -47.21 7.41 3.40
N THR D 256 -45.92 6.98 3.46
CA THR D 256 -45.59 5.56 3.14
C THR D 256 -46.03 4.66 4.23
N LEU D 257 -45.88 5.12 5.49
CA LEU D 257 -46.33 4.35 6.66
C LEU D 257 -47.82 4.64 7.03
N THR D 258 -48.69 4.78 5.99
CA THR D 258 -50.14 4.96 6.14
C THR D 258 -50.67 3.57 6.53
N LYS D 259 -51.24 3.48 7.73
CA LYS D 259 -51.76 2.26 8.36
C LYS D 259 -52.74 1.51 7.46
N SER D 260 -53.75 2.22 6.91
CA SER D 260 -54.75 1.62 6.06
C SER D 260 -54.29 1.37 4.62
N PRO D 261 -54.31 0.09 4.16
CA PRO D 261 -53.93 -0.21 2.77
C PRO D 261 -54.78 0.47 1.69
N LYS D 262 -55.97 1.02 2.06
CA LYS D 262 -56.86 1.73 1.13
C LYS D 262 -56.42 3.18 0.96
N LYS D 263 -55.73 3.72 1.97
CA LYS D 263 -55.27 5.11 1.93
C LYS D 263 -53.77 5.23 1.60
N ARG D 264 -53.03 4.09 1.46
CA ARG D 264 -51.60 4.10 1.13
C ARG D 264 -51.33 4.48 -0.36
N PRO D 265 -50.49 5.52 -0.64
CA PRO D 265 -50.27 5.88 -2.05
C PRO D 265 -49.55 4.79 -2.81
N SER D 266 -49.86 4.71 -4.12
CA SER D 266 -49.27 3.76 -5.07
C SER D 266 -47.78 4.10 -5.28
N ALA D 267 -47.04 3.19 -5.98
CA ALA D 267 -45.63 3.44 -6.28
C ALA D 267 -45.50 4.63 -7.23
N THR D 268 -46.34 4.69 -8.31
CA THR D 268 -46.31 5.80 -9.28
C THR D 268 -46.69 7.13 -8.60
N LYS D 269 -47.65 7.09 -7.65
CA LYS D 269 -48.10 8.26 -6.90
C LYS D 269 -46.98 8.75 -6.02
N MET D 270 -46.24 7.82 -5.38
CA MET D 270 -45.13 8.19 -4.52
C MET D 270 -43.97 8.84 -5.29
N LEU D 271 -43.83 8.55 -6.61
CA LEU D 271 -42.78 9.08 -7.48
C LEU D 271 -42.89 10.58 -7.76
N SER D 272 -44.07 11.17 -7.54
CA SER D 272 -44.30 12.61 -7.67
C SER D 272 -44.18 13.31 -6.30
N HIS D 273 -43.70 12.58 -5.27
CA HIS D 273 -43.50 13.16 -3.94
C HIS D 273 -42.21 14.00 -3.94
N GLN D 274 -42.26 15.17 -3.29
CA GLN D 274 -41.20 16.18 -3.18
C GLN D 274 -39.79 15.59 -2.89
N LEU D 275 -39.70 14.68 -1.90
CA LEU D 275 -38.44 14.04 -1.49
C LEU D 275 -37.74 13.32 -2.63
N VAL D 276 -38.50 12.59 -3.46
CA VAL D 276 -37.94 11.79 -4.55
C VAL D 276 -38.01 12.51 -5.92
N SER D 277 -38.85 13.57 -6.04
CA SER D 277 -39.02 14.37 -7.26
C SER D 277 -37.97 15.48 -7.41
N GLN D 278 -37.28 15.83 -6.32
CA GLN D 278 -36.30 16.91 -6.24
C GLN D 278 -35.11 16.73 -7.19
N PRO D 279 -34.56 17.83 -7.78
CA PRO D 279 -33.37 17.67 -8.64
C PRO D 279 -32.11 17.38 -7.78
N GLY D 280 -31.06 16.86 -8.42
CA GLY D 280 -29.82 16.53 -7.73
C GLY D 280 -29.71 15.09 -7.25
N LEU D 281 -30.72 14.25 -7.58
CA LEU D 281 -30.70 12.84 -7.17
C LEU D 281 -30.09 11.97 -8.26
N ASN D 282 -28.86 11.54 -8.04
CA ASN D 282 -28.15 10.69 -8.99
C ASN D 282 -27.19 9.71 -8.29
N ARG D 283 -26.66 8.74 -9.06
CA ARG D 283 -25.71 7.69 -8.65
C ARG D 283 -24.44 8.21 -7.91
N GLY D 284 -24.12 9.50 -8.06
CA GLY D 284 -22.97 10.15 -7.42
C GLY D 284 -23.08 10.27 -5.92
N LEU D 285 -24.33 10.42 -5.44
CA LEU D 285 -24.67 10.46 -4.01
C LEU D 285 -24.23 9.15 -3.32
N ILE D 286 -24.38 8.03 -4.04
CA ILE D 286 -24.03 6.69 -3.59
C ILE D 286 -22.54 6.44 -3.79
N LEU D 287 -21.96 6.95 -4.90
CA LEU D 287 -20.50 6.89 -5.09
C LEU D 287 -19.83 7.60 -3.89
N ASP D 288 -20.43 8.71 -3.39
CA ASP D 288 -19.95 9.43 -2.18
C ASP D 288 -19.97 8.51 -0.97
N LEU D 289 -21.02 7.64 -0.87
CA LEU D 289 -21.20 6.68 0.21
C LEU D 289 -20.14 5.57 0.08
N LEU D 290 -19.88 5.11 -1.16
CA LEU D 290 -18.89 4.07 -1.43
C LEU D 290 -17.45 4.53 -1.13
N ASP D 291 -17.19 5.86 -1.22
CA ASP D 291 -15.90 6.44 -0.88
C ASP D 291 -15.62 6.33 0.64
N LYS D 292 -16.70 6.21 1.45
CA LYS D 292 -16.59 5.98 2.89
C LYS D 292 -16.12 4.53 3.18
N LEU D 293 -16.46 3.57 2.29
CA LEU D 293 -16.05 2.16 2.39
C LEU D 293 -14.58 1.94 2.11
N LYS D 294 -13.99 2.76 1.22
CA LYS D 294 -12.58 2.67 0.85
C LYS D 294 -11.69 3.26 1.96
N ASN D 295 -12.06 4.46 2.48
CA ASN D 295 -11.32 5.15 3.54
C ASN D 295 -12.17 5.36 4.80
S SO4 E . 0.30 -26.54 1.24
O1 SO4 E . 0.18 -25.27 1.99
O2 SO4 E . 1.72 -26.93 1.23
O3 SO4 E . -0.53 -27.56 1.88
O4 SO4 E . -0.15 -26.34 -0.13
C5 A1A1D F . 2.38 -29.27 15.51
C4 A1A1D F . 3.24 -28.44 14.80
C1 A1A1D F . 1.15 -29.59 14.98
C15 A1A1D F . -3.80 -30.68 12.53
C17 A1A1D F . -4.32 -29.45 10.51
C7 A1A1D F . 4.68 -25.91 11.26
C14 A1A1D F . -2.56 -30.01 12.57
C13 A1A1D F . -2.19 -29.10 11.59
C18 A1A1D F . -3.09 -28.80 10.55
C16 A1A1D F . -4.66 -30.40 11.47
C3 A1A1D F . 2.83 -27.97 13.56
C2 A1A1D F . 0.83 -29.09 13.71
C6 A1A1D F . 3.78 -27.16 12.77
C11 A1A1D F . -1.46 -30.14 13.55
C12 A1A1D F . -0.80 -28.60 11.85
C9 A1A1D F . 1.44 -25.02 11.63
C21 A1A1D F . -3.18 -26.75 7.34
C20 A1A1D F . -6.33 -31.91 12.31
C19 A1A1D F . -2.61 -27.82 9.51
C10 A1A1D F . 2.32 -26.03 9.47
C8 A1A1D F . 2.16 -26.20 10.98
C22 A1A1D F . 1.11 -26.37 8.67
N4 A1A1D F . 5.64 -26.30 12.05
N1 A1A1D F . 1.66 -28.31 13.00
N5 A1A1D F . 5.06 -27.09 13.04
N3 A1A1D F . 3.48 -26.44 11.64
N2 A1A1D F . -0.43 -29.34 13.07
N6 A1A1D F . -3.67 -27.49 8.52
O1 A1A1D F . -1.39 -30.85 14.53
O2 A1A1D F . -5.91 -30.95 11.34
F1 A1A1D F . 1.24 -26.03 7.40
F2 A1A1D F . 0.84 -27.67 8.68
F3 A1A1D F . 0.02 -25.75 9.08
H3 A1A1D F . 2.67 -29.62 16.50
H2 A1A1D F . 4.21 -28.18 15.22
H1 A1A1D F . 0.48 -30.20 15.58
H13 A1A1D F . -3.97 -31.40 13.32
H14 A1A1D F . -5.04 -29.26 9.71
H4 A1A1D F . 4.82 -25.27 10.40
H12 A1A1D F . -0.79 -27.53 11.98
H11 A1A1D F . -0.13 -28.82 11.03
H8 A1A1D F . 0.36 -25.08 11.51
H6 A1A1D F . 1.74 -24.06 11.21
H7 A1A1D F . 1.63 -24.95 12.70
H22 A1A1D F . -3.83 -26.91 6.47
H21 A1A1D F . -2.18 -27.05 7.03
H23 A1A1D F . -3.15 -25.67 7.50
H18 A1A1D F . -7.34 -32.27 12.10
H19 A1A1D F . -6.35 -31.35 13.24
H20 A1A1D F . -5.66 -32.76 12.40
H15 A1A1D F . -2.26 -26.91 9.99
H16 A1A1D F . -1.74 -28.22 9.01
H9 A1A1D F . 2.61 -25.01 9.26
H10 A1A1D F . 3.16 -26.62 9.10
H5 A1A1D F . 1.56 -27.09 11.13
H24 A1A1D F . -4.36 -26.94 9.01
C5 A1A1D G . 45.04 1.03 -2.26
C4 A1A1D G . 44.04 0.22 -1.74
C1 A1A1D G . 46.20 1.23 -1.54
C15 A1A1D G . 50.82 1.66 1.68
C17 A1A1D G . 50.67 0.73 3.91
C7 A1A1D G . 41.93 -2.50 1.26
C14 A1A1D G . 49.51 1.22 1.45
C13 A1A1D G . 48.79 0.54 2.43
C18 A1A1D G . 49.37 0.28 3.67
C16 A1A1D G . 51.40 1.39 2.92
C3 A1A1D G . 44.25 -0.41 -0.53
C2 A1A1D G . 46.34 0.54 -0.31
C6 A1A1D G . 43.20 -1.31 0.00
C11 A1A1D G . 48.66 1.37 0.25
C12 A1A1D G . 47.44 0.16 1.90
C9 A1A1D G . 43.21 -0.11 3.20
C21 A1A1D G . 48.48 -1.48 6.94
C20 A1A1D G . 53.44 2.51 2.32
C19 A1A1D G . 48.54 -0.49 4.66
C10 A1A1D G . 43.84 -2.52 3.52
C8 A1A1D G . 43.80 -1.35 2.54
C22 A1A1D G . 45.12 -2.66 4.30
N4 A1A1D G . 41.46 -2.60 0.06
N1 A1A1D G . 45.40 -0.29 0.17
N5 A1A1D G . 42.27 -1.82 -0.76
N3 A1A1D G . 43.05 -1.70 1.31
N2 A1A1D G . 47.47 0.68 0.53
N6 A1A1D G . 49.18 -0.57 6.00
O1 A1A1D G . 48.93 1.89 -0.81
O2 A1A1D G . 52.66 1.77 3.27
F1 A1A1D G . 45.09 -3.69 5.13
F2 A1A1D G . 46.18 -2.86 3.51
F3 A1A1D G . 45.38 -1.58 5.03
H3 A1A1D G . 44.86 1.56 -3.20
H2 A1A1D G . 43.11 0.09 -2.29
H1 A1A1D G . 46.94 1.91 -1.96
H13 A1A1D G . 51.29 2.18 0.85
H14 A1A1D G . 51.17 0.54 4.86
H4 A1A1D G . 41.51 -3.01 2.13
H12 A1A1D G . 46.64 0.58 2.50
H11 A1A1D G . 47.30 -0.92 1.92
H8 A1A1D G . 43.79 0.22 4.06
H6 A1A1D G . 42.20 -0.28 3.58
H7 A1A1D G . 43.13 0.73 2.52
H22 A1A1D G . 48.24 -0.97 7.87
H21 A1A1D G . 49.10 -2.34 7.21
H23 A1A1D G . 47.55 -1.87 6.54
H18 A1A1D G . 54.42 2.78 2.71
H19 A1A1D G . 52.87 3.42 2.17
H20 A1A1D G . 53.57 2.00 1.36
H15 A1A1D G . 47.56 -0.01 4.77
H16 A1A1D G . 48.32 -1.48 4.28
H9 A1A1D G . 43.02 -2.44 4.23
H10 A1A1D G . 43.66 -3.47 3.03
H5 A1A1D G . 44.82 -1.10 2.24
H24 A1A1D G . 49.20 0.36 6.38
C5 A1A1D H . -2.89 9.13 -16.51
C4 A1A1D H . -1.90 9.88 -17.12
C1 A1A1D H . -3.94 8.63 -17.26
C15 A1A1D H . -7.98 6.67 -20.64
C17 A1A1D H . -7.98 7.44 -22.93
C7 A1A1D H . 0.21 12.12 -20.50
C14 A1A1D H . -6.83 7.44 -20.41
C13 A1A1D H . -6.24 8.17 -21.43
C18 A1A1D H . -6.83 8.19 -22.71
C16 A1A1D H . -8.53 6.68 -21.91
C3 A1A1D H . -1.99 10.10 -18.49
C2 A1A1D H . -3.94 8.90 -18.65
C6 A1A1D H . -0.92 10.89 -19.14
C11 A1A1D H . -6.04 7.61 -19.17
C12 A1A1D H . -5.01 8.87 -20.92
C9 A1A1D H . -3.01 12.81 -21.09
C21 A1A1D H . -6.10 9.56 -26.20
C20 A1A1D H . -10.34 5.21 -21.24
C19 A1A1D H . -6.16 9.02 -23.77
C10 A1A1D H . -1.59 11.59 -22.76
C8 A1A1D H . -2.13 11.59 -21.33
C22 A1A1D H . -2.32 10.71 -23.70
N4 A1A1D H . 0.97 11.90 -19.47
N1 A1A1D H . -2.98 9.61 -19.25
N5 A1A1D H . 0.26 11.11 -18.59
N3 A1A1D H . -1.02 11.52 -20.35
N2 A1A1D H . -4.96 8.43 -19.51
N6 A1A1D H . -6.86 8.96 -25.08
O1 A1A1D H . -6.22 7.11 -18.08
O2 A1A1D H . -9.68 5.99 -22.25
F1 A1A1D H . -1.75 10.65 -24.87
F2 A1A1D H . -2.39 9.45 -23.28
F3 A1A1D H . -3.58 11.12 -23.90
H3 A1A1D H . -2.86 8.97 -15.44
H2 A1A1D H . -1.10 10.31 -16.52
H1 A1A1D H . -4.71 8.06 -16.75
H13 A1A1D H . -8.34 6.12 -19.77
H14 A1A1D H . -8.46 7.41 -23.90
H4 A1A1D H . 0.51 12.70 -21.37
H12 A1A1D H . -5.09 9.94 -21.02
H11 A1A1D H . -4.11 8.56 -21.47
H8 A1A1D H . -3.84 12.86 -21.78
H6 A1A1D H . -2.44 13.75 -21.21
H7 A1A1D H . -3.42 12.85 -20.08
H22 A1A1D H . -6.41 9.16 -27.16
H21 A1A1D H . -5.02 9.38 -26.12
H23 A1A1D H . -6.23 10.64 -26.26
H18 A1A1D H . -11.25 4.74 -21.62
H19 A1A1D H . -10.62 5.95 -20.50
H20 A1A1D H . -9.69 4.46 -20.79
H15 A1A1D H . -6.09 10.06 -23.45
H16 A1A1D H . -5.12 8.71 -23.89
H9 A1A1D H . -1.60 12.61 -23.15
H10 A1A1D H . -0.54 11.30 -22.81
H5 A1A1D H . -2.76 10.71 -21.18
H24 A1A1D H . -7.75 9.43 -24.99
C5 A1A1D I . -27.99 -10.99 -7.42
C4 A1A1D I . -28.98 -11.64 -6.73
C1 A1A1D I . -26.89 -10.49 -6.75
C15 A1A1D I . -22.51 -8.76 -3.62
C17 A1A1D I . -22.68 -9.08 -1.22
C7 A1A1D I . -31.09 -13.50 -3.10
C14 A1A1D I . -23.76 -9.34 -3.76
C13 A1A1D I . -24.46 -9.84 -2.66
C18 A1A1D I . -23.94 -9.67 -1.38
C16 A1A1D I . -21.97 -8.65 -2.34
C3 A1A1D I . -28.84 -11.81 -5.36
C2 A1A1D I . -26.81 -10.72 -5.37
C6 A1A1D I . -29.87 -12.58 -4.63
C11 A1A1D I . -24.55 -9.63 -4.98
C12 A1A1D I . -25.77 -10.43 -3.10
C9 A1A1D I . -29.73 -10.57 -1.96
C21 A1A1D I . -24.83 -10.54 2.23
C20 A1A1D I . -19.96 -7.58 -3.11
C19 A1A1D I . -24.77 -10.19 -0.23
C10 A1A1D I . -29.31 -12.77 -0.86
C8 A1A1D I . -29.24 -11.98 -2.18
C22 A1A1D I . -28.06 -12.74 -0.06
N4 A1A1D I . -31.57 -13.89 -4.25
N1 A1A1D I . -27.77 -11.37 -4.68
N5 A1A1D I . -30.77 -13.32 -5.23
N3 A1A1D I . -30.01 -12.66 -3.26
N2 A1A1D I . -25.72 -10.26 -4.56
N6 A1A1D I . -24.21 -9.81 1.10
O1 A1A1D I . -24.27 -9.39 -6.15
O2 A1A1D I . -20.76 -8.07 -2.04
F1 A1A1D I . -28.16 -13.44 1.04
F2 A1A1D I . -27.02 -13.24 -0.72
F3 A1A1D I . -27.72 -11.52 0.31
H3 A1A1D I . -28.10 -10.81 -8.49
H2 A1A1D I . -29.87 -12.01 -7.25
H1 A1A1D I . -26.14 -9.95 -7.33
H13 A1A1D I . -22.02 -8.46 -4.54
H14 A1A1D I . -22.23 -8.95 -0.25
H4 A1A1D I . -31.51 -13.81 -2.14
H12 A1A1D I . -26.61 -9.90 -2.65
H11 A1A1D I . -25.84 -11.47 -2.82
H8 A1A1D I . -29.13 -10.02 -1.24
H6 A1A1D I . -30.76 -10.53 -1.58
H7 A1A1D I . -29.73 -9.98 -2.88
H22 A1A1D I . -24.08 -10.85 2.95
H21 A1A1D I . -25.37 -11.43 1.93
H23 A1A1D I . -25.54 -9.92 2.79
H18 A1A1D I . -19.03 -7.11 -2.77
H19 A1A1D I . -20.59 -6.81 -3.55
H20 A1A1D I . -19.73 -8.34 -3.87
H15 A1A1D I . -25.79 -9.81 -0.30
H16 A1A1D I . -24.85 -11.27 -0.31
H9 A1A1D I . -30.13 -12.39 -0.25
H10 A1A1D I . -29.56 -13.81 -1.02
H5 A1A1D I . -28.19 -11.94 -2.50
H24 A1A1D I . -24.36 -8.82 1.22
#